data_3EPW
#
_entry.id   3EPW
#
_cell.length_a   51.449
_cell.length_b   73.728
_cell.length_c   81.147
_cell.angle_alpha   90.00
_cell.angle_beta   75.18
_cell.angle_gamma   90.00
#
_symmetry.space_group_name_H-M   'P 1 21 1'
#
loop_
_entity.id
_entity.type
_entity.pdbx_description
1 polymer 'IAG-nucleoside hydrolase'
2 non-polymer 'CALCIUM ION'
3 non-polymer 7-(((2R,3R,4S)-3,4-dihydroxy-2-(hydroxymethyl)pyrrolidin-1-yl)methyl)-3H-pyrrolo[3,2-d]pyrimidin-4(5H)-one
4 non-polymer 'MAGNESIUM ION'
5 water water
#
_entity_poly.entity_id   1
_entity_poly.type   'polypeptide(L)'
_entity_poly.pdbx_seq_one_letter_code
;MRGSHHHHHHGSAKNVVLDHDGNLDDFVAMVLLASNTEKVRLIGALCTDADCFVENGFNVTGKIMCLMHNNMNLPLFPIG
KSAATAVNPFPKEWRCLAKNMDDMPILNIPENVELWDKIKAENEKYEGQQLLADLVMNSEEKVTICVTGPLSNVAWCIDK
YGEKFTSKVEECVIMGGAVDVRGNVFLPSTDGTAEWNIYWDPASAKTVFGCPGLRRIMFSLDSTNTVPVRSPYVQRFGEQ
TNFLLSILVGTMWAMCTHCELLRDGDGYYAWDALTAAYVVDQKVANVDPVPIDVVVDKQPNEGATVRTDAENYPLTFVAR
NPEAEFFLDMLLRSARAC
;
_entity_poly.pdbx_strand_id   A,B
#
# COMPACT_ATOMS: atom_id res chain seq x y z
N ALA A 13 26.32 -23.38 -0.81
CA ALA A 13 25.38 -22.43 -1.45
C ALA A 13 25.65 -22.34 -2.94
N LYS A 14 24.58 -22.21 -3.73
CA LYS A 14 24.72 -22.10 -5.17
C LYS A 14 24.51 -20.66 -5.62
N ASN A 15 25.15 -20.30 -6.72
CA ASN A 15 25.05 -18.96 -7.28
C ASN A 15 23.69 -18.73 -7.89
N VAL A 16 23.08 -17.60 -7.53
CA VAL A 16 21.77 -17.23 -8.06
C VAL A 16 21.79 -15.79 -8.48
N VAL A 17 21.19 -15.50 -9.63
CA VAL A 17 20.90 -14.14 -10.04
C VAL A 17 19.39 -13.97 -10.08
N LEU A 18 18.89 -12.87 -9.52
CA LEU A 18 17.46 -12.57 -9.54
C LEU A 18 17.18 -11.57 -10.65
N ASP A 19 16.33 -11.97 -11.60
CA ASP A 19 15.91 -11.18 -12.74
C ASP A 19 14.44 -10.87 -12.48
N HIS A 20 14.17 -9.68 -11.96
CA HIS A 20 12.84 -9.39 -11.44
C HIS A 20 12.26 -8.13 -12.03
N ASP A 21 10.98 -7.90 -11.75
CA ASP A 21 10.35 -6.68 -12.23
C ASP A 21 9.62 -5.87 -11.17
N GLY A 22 10.10 -5.99 -9.94
CA GLY A 22 9.85 -4.94 -8.95
C GLY A 22 8.45 -4.85 -8.39
N ASN A 23 7.65 -5.90 -8.49
CA ASN A 23 6.41 -5.91 -7.72
C ASN A 23 6.64 -6.47 -6.32
N LEU A 24 5.58 -6.55 -5.52
CA LEU A 24 5.76 -6.89 -4.13
C LEU A 24 6.32 -8.28 -3.95
N ASP A 25 5.76 -9.24 -4.69
CA ASP A 25 6.29 -10.59 -4.59
C ASP A 25 7.71 -10.71 -5.13
N ASP A 26 8.09 -9.89 -6.12
CA ASP A 26 9.49 -9.89 -6.55
C ASP A 26 10.40 -9.60 -5.39
N PHE A 27 10.02 -8.65 -4.54
CA PHE A 27 10.87 -8.28 -3.43
C PHE A 27 10.81 -9.29 -2.31
N VAL A 28 9.65 -9.93 -2.10
CA VAL A 28 9.58 -11.04 -1.17
C VAL A 28 10.51 -12.17 -1.66
N ALA A 29 10.49 -12.43 -2.97
CA ALA A 29 11.37 -13.42 -3.58
C ALA A 29 12.84 -13.06 -3.29
N MET A 30 13.18 -11.79 -3.46
CA MET A 30 14.54 -11.34 -3.17
C MET A 30 14.90 -11.63 -1.72
N VAL A 31 14.00 -11.28 -0.81
CA VAL A 31 14.26 -11.54 0.60
C VAL A 31 14.44 -13.02 0.87
N LEU A 32 13.59 -13.85 0.28
CA LEU A 32 13.67 -15.29 0.47
C LEU A 32 15.02 -15.85 -0.02
N LEU A 33 15.42 -15.43 -1.21
CA LEU A 33 16.72 -15.85 -1.74
C LEU A 33 17.87 -15.39 -0.87
N ALA A 34 17.89 -14.10 -0.55
CA ALA A 34 19.02 -13.49 0.17
C ALA A 34 19.13 -14.01 1.59
N SER A 35 18.00 -14.25 2.24
CA SER A 35 18.03 -14.65 3.64
C SER A 35 18.50 -16.08 3.82
N ASN A 36 18.36 -16.90 2.77
CA ASN A 36 18.72 -18.30 2.86
C ASN A 36 20.17 -18.54 2.43
N THR A 37 21.08 -17.97 3.23
CA THR A 37 22.51 -17.96 2.94
C THR A 37 23.13 -19.36 2.84
N GLU A 38 22.56 -20.31 3.56
CA GLU A 38 23.03 -21.69 3.52
C GLU A 38 22.84 -22.30 2.12
N LYS A 39 21.76 -21.91 1.45
CA LYS A 39 21.37 -22.52 0.18
C LYS A 39 21.71 -21.66 -1.03
N VAL A 40 21.67 -20.34 -0.84
CA VAL A 40 21.73 -19.42 -1.96
C VAL A 40 22.79 -18.36 -1.74
N ARG A 41 23.64 -18.20 -2.75
CA ARG A 41 24.57 -17.08 -2.82
C ARG A 41 24.01 -16.16 -3.89
N LEU A 42 23.45 -15.03 -3.46
CA LEU A 42 22.87 -14.09 -4.39
C LEU A 42 23.97 -13.22 -4.96
N ILE A 43 24.31 -13.46 -6.23
CA ILE A 43 25.44 -12.78 -6.84
C ILE A 43 25.09 -11.60 -7.73
N GLY A 44 23.80 -11.31 -7.88
CA GLY A 44 23.41 -10.17 -8.67
C GLY A 44 21.91 -10.12 -8.81
N ALA A 45 21.44 -8.96 -9.22
CA ALA A 45 20.03 -8.80 -9.50
C ALA A 45 19.89 -7.79 -10.60
N LEU A 46 18.81 -7.93 -11.36
CA LEU A 46 18.45 -6.90 -12.32
C LEU A 46 16.97 -6.65 -12.19
N CYS A 47 16.57 -5.45 -12.55
CA CYS A 47 15.18 -5.04 -12.48
C CYS A 47 14.75 -4.57 -13.84
N THR A 48 13.54 -4.97 -14.25
CA THR A 48 12.99 -4.63 -15.54
C THR A 48 11.78 -3.73 -15.34
N ASP A 49 11.60 -2.81 -16.27
CA ASP A 49 10.55 -1.79 -16.27
C ASP A 49 9.21 -2.38 -16.67
N ALA A 50 8.86 -3.52 -16.07
CA ALA A 50 7.63 -4.23 -16.40
C ALA A 50 6.58 -3.94 -15.33
N ASP A 51 6.50 -4.76 -14.30
CA ASP A 51 5.49 -4.53 -13.26
C ASP A 51 5.97 -3.54 -12.19
N CYS A 52 6.79 -2.58 -12.62
CA CYS A 52 7.22 -1.47 -11.77
C CYS A 52 7.67 -0.35 -12.68
N PHE A 53 8.01 0.79 -12.09
CA PHE A 53 8.81 1.80 -12.79
C PHE A 53 10.23 1.50 -12.36
N VAL A 54 11.07 1.21 -13.35
CA VAL A 54 12.36 0.59 -13.10
C VAL A 54 13.26 1.38 -12.12
N GLU A 55 13.20 2.71 -12.16
CA GLU A 55 14.00 3.45 -11.18
C GLU A 55 13.59 3.12 -9.75
N ASN A 56 12.28 3.00 -9.51
CA ASN A 56 11.83 2.63 -8.17
C ASN A 56 12.22 1.19 -7.85
N GLY A 57 12.03 0.30 -8.81
CA GLY A 57 12.37 -1.10 -8.58
C GLY A 57 13.86 -1.28 -8.29
N PHE A 58 14.66 -0.50 -8.99
CA PHE A 58 16.10 -0.52 -8.81
C PHE A 58 16.48 -0.06 -7.41
N ASN A 59 15.89 1.07 -6.99
CA ASN A 59 16.21 1.62 -5.68
C ASN A 59 15.74 0.72 -4.56
N VAL A 60 14.56 0.10 -4.72
CA VAL A 60 14.09 -0.83 -3.69
C VAL A 60 15.01 -2.04 -3.61
N THR A 61 15.49 -2.53 -4.75
CA THR A 61 16.41 -3.65 -4.72
C THR A 61 17.66 -3.28 -3.91
N GLY A 62 18.19 -2.11 -4.20
CA GLY A 62 19.39 -1.64 -3.52
C GLY A 62 19.13 -1.44 -2.04
N LYS A 63 17.99 -0.85 -1.69
CA LYS A 63 17.67 -0.60 -0.29
C LYS A 63 17.49 -1.88 0.50
N ILE A 64 16.89 -2.89 -0.11
CA ILE A 64 16.75 -4.18 0.57
C ILE A 64 18.12 -4.82 0.77
N MET A 65 18.92 -4.82 -0.30
CA MET A 65 20.27 -5.36 -0.21
C MET A 65 21.07 -4.73 0.93
N CYS A 66 21.02 -3.41 0.99
CA CYS A 66 21.78 -2.68 1.99
C CYS A 66 21.28 -2.96 3.41
N LEU A 67 19.96 -3.02 3.58
CA LEU A 67 19.41 -3.44 4.87
C LEU A 67 19.98 -4.80 5.27
N MET A 68 20.00 -5.73 4.33
CA MET A 68 20.40 -7.09 4.67
C MET A 68 21.90 -7.19 4.87
N HIS A 69 22.65 -6.38 4.13
CA HIS A 69 24.09 -6.31 4.31
C HIS A 69 24.43 -5.83 5.73
N ASN A 70 23.74 -4.79 6.18
CA ASN A 70 24.02 -4.19 7.47
C ASN A 70 23.47 -4.98 8.66
N ASN A 71 22.52 -5.88 8.42
CA ASN A 71 21.88 -6.60 9.53
C ASN A 71 22.04 -8.12 9.58
N MET A 72 22.52 -8.72 8.49
CA MET A 72 22.80 -10.15 8.52
C MET A 72 24.02 -10.56 7.69
N ASN A 73 24.89 -9.59 7.45
CA ASN A 73 26.19 -9.94 6.87
C ASN A 73 26.03 -10.36 5.40
N LEU A 74 24.93 -9.97 4.75
CA LEU A 74 24.71 -10.34 3.34
C LEU A 74 25.72 -9.66 2.44
N PRO A 75 26.48 -10.44 1.67
CA PRO A 75 27.42 -9.79 0.75
C PRO A 75 26.71 -8.91 -0.28
N LEU A 76 27.27 -7.76 -0.57
CA LEU A 76 26.76 -6.90 -1.63
C LEU A 76 26.96 -7.58 -2.97
N PHE A 77 26.13 -7.17 -3.92
CA PHE A 77 26.16 -7.71 -5.27
C PHE A 77 25.74 -6.61 -6.23
N PRO A 78 26.13 -6.73 -7.50
CA PRO A 78 25.74 -5.76 -8.50
C PRO A 78 24.24 -5.83 -8.78
N ILE A 79 23.68 -4.67 -9.05
CA ILE A 79 22.27 -4.54 -9.39
C ILE A 79 22.18 -3.70 -10.64
N GLY A 80 21.50 -4.21 -11.66
CA GLY A 80 21.38 -3.50 -12.92
C GLY A 80 19.95 -3.21 -13.30
N LYS A 81 19.74 -2.16 -14.08
CA LYS A 81 18.44 -1.86 -14.67
C LYS A 81 18.45 -2.38 -16.09
N SER A 82 17.49 -3.22 -16.42
CA SER A 82 17.39 -3.72 -17.78
C SER A 82 16.85 -2.65 -18.72
N ALA A 83 17.35 -2.64 -19.95
CA ALA A 83 16.85 -1.75 -21.00
C ALA A 83 15.64 -2.32 -21.73
N ALA A 84 15.18 -3.50 -21.33
CA ALA A 84 14.06 -4.14 -22.01
C ALA A 84 12.82 -3.25 -22.04
N THR A 85 12.10 -3.28 -23.14
CA THR A 85 10.89 -2.50 -23.30
C THR A 85 9.72 -3.47 -23.51
N ALA A 86 8.55 -3.02 -23.11
CA ALA A 86 7.34 -3.85 -23.15
C ALA A 86 6.88 -4.12 -24.56
N VAL A 87 6.38 -5.32 -24.77
CA VAL A 87 5.46 -5.52 -25.89
C VAL A 87 4.06 -5.08 -25.45
N ASN A 88 3.62 -5.59 -24.31
CA ASN A 88 2.33 -5.24 -23.71
C ASN A 88 2.53 -4.75 -22.29
N PRO A 89 2.57 -3.43 -22.10
CA PRO A 89 2.87 -2.91 -20.76
C PRO A 89 1.85 -3.27 -19.69
N PHE A 90 2.33 -3.35 -18.45
CA PHE A 90 1.49 -3.57 -17.30
C PHE A 90 0.59 -2.38 -16.97
N PRO A 91 -0.53 -2.64 -16.26
CA PRO A 91 -1.38 -1.55 -15.78
C PRO A 91 -0.58 -0.64 -14.85
N LYS A 92 -0.75 0.66 -15.03
CA LYS A 92 0.04 1.62 -14.25
C LYS A 92 -0.15 1.46 -12.75
N GLU A 93 -1.37 1.11 -12.34
CA GLU A 93 -1.68 0.97 -10.92
C GLU A 93 -0.82 -0.13 -10.28
N TRP A 94 -0.56 -1.20 -11.03
CA TRP A 94 0.26 -2.29 -10.50
C TRP A 94 1.73 -1.89 -10.44
N ARG A 95 2.15 -1.05 -11.39
CA ARG A 95 3.55 -0.65 -11.48
C ARG A 95 3.96 0.29 -10.36
N CYS A 96 2.98 0.88 -9.67
CA CYS A 96 3.26 1.85 -8.62
C CYS A 96 3.84 1.27 -7.34
N LEU A 97 3.73 -0.04 -7.15
CA LEU A 97 4.04 -0.60 -5.85
C LEU A 97 5.48 -0.40 -5.41
N ALA A 98 6.42 -0.41 -6.35
CA ALA A 98 7.81 -0.18 -5.96
C ALA A 98 8.04 1.26 -5.54
N LYS A 99 7.22 2.19 -6.03
CA LYS A 99 7.25 3.57 -5.56
C LYS A 99 6.92 3.61 -4.07
N ASN A 100 5.83 2.93 -3.70
CA ASN A 100 5.45 2.85 -2.30
C ASN A 100 6.58 2.25 -1.47
N MET A 101 7.15 1.16 -1.96
CA MET A 101 8.21 0.50 -1.20
C MET A 101 9.43 1.38 -1.03
N ASP A 102 9.74 2.16 -2.07
CA ASP A 102 10.91 3.04 -2.04
C ASP A 102 10.81 4.03 -0.90
N ASP A 103 9.58 4.34 -0.47
CA ASP A 103 9.34 5.31 0.58
C ASP A 103 9.09 4.72 1.96
N MET A 104 9.09 3.40 2.08
CA MET A 104 8.76 2.76 3.34
C MET A 104 9.84 3.01 4.40
N PRO A 105 9.45 3.32 5.65
CA PRO A 105 10.46 3.56 6.69
C PRO A 105 11.49 2.44 6.79
N ILE A 106 11.04 1.19 6.70
CA ILE A 106 11.93 0.04 6.89
C ILE A 106 13.07 0.04 5.86
N LEU A 107 12.84 0.65 4.71
CA LEU A 107 13.85 0.69 3.65
C LEU A 107 14.60 2.01 3.60
N ASN A 108 14.30 2.90 4.55
CA ASN A 108 14.92 4.21 4.57
C ASN A 108 15.67 4.53 5.85
N ILE A 109 16.16 3.49 6.51
CA ILE A 109 16.99 3.66 7.70
C ILE A 109 18.34 4.23 7.27
N PRO A 110 18.78 5.35 7.90
CA PRO A 110 19.99 6.06 7.47
C PRO A 110 21.23 5.22 7.16
N GLU A 111 21.61 4.30 8.03
CA GLU A 111 22.82 3.51 7.75
C GLU A 111 22.70 2.76 6.42
N ASN A 112 21.50 2.33 6.10
CA ASN A 112 21.26 1.54 4.89
C ASN A 112 21.18 2.42 3.67
N VAL A 113 20.49 3.55 3.80
CA VAL A 113 20.39 4.51 2.71
C VAL A 113 21.74 5.14 2.40
N GLU A 114 22.55 5.37 3.44
CA GLU A 114 23.89 5.93 3.26
C GLU A 114 24.73 5.00 2.40
N LEU A 115 24.68 3.71 2.72
CA LEU A 115 25.39 2.70 1.94
C LEU A 115 24.89 2.66 0.49
N TRP A 116 23.57 2.62 0.32
CA TRP A 116 23.01 2.58 -1.01
C TRP A 116 23.42 3.80 -1.84
N ASP A 117 23.36 4.99 -1.23
CA ASP A 117 23.75 6.22 -1.92
C ASP A 117 25.21 6.20 -2.36
N LYS A 118 26.06 5.58 -1.54
CA LYS A 118 27.49 5.45 -1.81
C LYS A 118 27.73 4.55 -3.01
N ILE A 119 26.99 3.44 -3.08
CA ILE A 119 27.27 2.37 -4.05
C ILE A 119 26.34 2.38 -5.26
N LYS A 120 25.31 3.23 -5.24
CA LYS A 120 24.28 3.16 -6.29
C LYS A 120 24.81 3.58 -7.65
N ALA A 121 25.70 4.56 -7.68
CA ALA A 121 26.25 5.06 -8.94
C ALA A 121 27.01 3.98 -9.72
N GLU A 122 27.78 3.16 -9.01
CA GLU A 122 28.47 2.02 -9.64
C GLU A 122 27.47 1.02 -10.23
N ASN A 123 26.34 0.84 -9.55
CA ASN A 123 25.29 -0.06 -10.05
C ASN A 123 24.46 0.54 -11.18
N GLU A 124 24.30 1.86 -11.17
CA GLU A 124 23.61 2.56 -12.26
C GLU A 124 24.31 2.44 -13.60
N LYS A 125 25.63 2.24 -13.59
CA LYS A 125 26.39 2.14 -14.83
C LYS A 125 26.15 0.82 -15.59
N TYR A 126 25.78 -0.24 -14.88
CA TYR A 126 25.47 -1.51 -15.54
C TYR A 126 24.30 -1.37 -16.49
N GLU A 127 24.37 -2.09 -17.60
CA GLU A 127 23.15 -2.44 -18.32
C GLU A 127 22.71 -3.77 -17.76
N GLY A 128 21.47 -3.83 -17.30
CA GLY A 128 20.95 -5.01 -16.62
C GLY A 128 21.07 -6.29 -17.43
N GLN A 129 20.79 -6.20 -18.73
CA GLN A 129 20.85 -7.39 -19.57
C GLN A 129 22.27 -7.90 -19.69
N GLN A 130 23.20 -6.98 -19.87
CA GLN A 130 24.61 -7.31 -19.93
C GLN A 130 25.10 -7.90 -18.60
N LEU A 131 24.62 -7.33 -17.50
CA LEU A 131 24.97 -7.84 -16.19
C LEU A 131 24.55 -9.31 -16.02
N LEU A 132 23.35 -9.62 -16.47
CA LEU A 132 22.89 -10.99 -16.43
C LEU A 132 23.81 -11.90 -17.26
N ALA A 133 24.10 -11.50 -18.48
CA ALA A 133 24.98 -12.28 -19.34
C ALA A 133 26.35 -12.47 -18.69
N ASP A 134 26.91 -11.39 -18.14
CA ASP A 134 28.25 -11.42 -17.58
C ASP A 134 28.33 -12.24 -16.30
N LEU A 135 27.34 -12.06 -15.41
CA LEU A 135 27.37 -12.80 -14.16
C LEU A 135 27.30 -14.29 -14.43
N VAL A 136 26.47 -14.67 -15.40
CA VAL A 136 26.35 -16.07 -15.76
C VAL A 136 27.63 -16.58 -16.44
N MET A 137 28.11 -15.84 -17.44
CA MET A 137 29.22 -16.32 -18.26
C MET A 137 30.57 -16.29 -17.56
N ASN A 138 30.72 -15.38 -16.61
CA ASN A 138 31.99 -15.18 -15.92
C ASN A 138 32.10 -15.92 -14.60
N SER A 139 31.01 -16.54 -14.17
CA SER A 139 31.00 -17.28 -12.93
C SER A 139 31.83 -18.55 -13.02
N GLU A 140 32.55 -18.88 -11.96
CA GLU A 140 33.33 -20.11 -11.88
C GLU A 140 32.42 -21.33 -11.88
N GLU A 141 31.40 -21.30 -11.02
CA GLU A 141 30.38 -22.35 -10.96
C GLU A 141 29.11 -21.86 -11.66
N LYS A 142 28.31 -22.80 -12.15
CA LYS A 142 27.08 -22.44 -12.86
C LYS A 142 26.13 -21.59 -12.02
N VAL A 143 25.28 -20.85 -12.71
CA VAL A 143 24.39 -19.89 -12.07
C VAL A 143 22.95 -20.27 -12.32
N THR A 144 22.15 -20.23 -11.26
CA THR A 144 20.72 -20.37 -11.39
C THR A 144 20.12 -18.99 -11.55
N ILE A 145 19.29 -18.84 -12.57
CA ILE A 145 18.58 -17.59 -12.75
C ILE A 145 17.17 -17.74 -12.24
N CYS A 146 16.78 -16.87 -11.30
CA CYS A 146 15.42 -16.86 -10.83
C CYS A 146 14.75 -15.69 -11.54
N VAL A 147 13.84 -16.01 -12.46
CA VAL A 147 13.19 -14.99 -13.28
C VAL A 147 11.79 -14.79 -12.77
N THR A 148 11.52 -13.60 -12.28
CA THR A 148 10.23 -13.32 -11.66
C THR A 148 9.49 -12.19 -12.37
N GLY A 149 10.12 -11.65 -13.41
CA GLY A 149 9.43 -10.77 -14.34
C GLY A 149 9.37 -11.43 -15.70
N PRO A 150 9.13 -10.63 -16.74
CA PRO A 150 9.11 -11.16 -18.10
C PRO A 150 10.45 -11.74 -18.52
N LEU A 151 10.42 -12.50 -19.60
CA LEU A 151 11.57 -13.29 -20.03
C LEU A 151 12.49 -12.55 -20.98
N SER A 152 12.30 -11.25 -21.11
CA SER A 152 13.06 -10.42 -22.03
C SER A 152 14.56 -10.48 -21.84
N ASN A 153 15.03 -10.58 -20.62
CA ASN A 153 16.45 -10.51 -20.38
C ASN A 153 17.14 -11.83 -20.64
N VAL A 154 16.51 -12.92 -20.24
CA VAL A 154 17.05 -14.22 -20.56
C VAL A 154 17.03 -14.41 -22.08
N ALA A 155 15.96 -13.96 -22.73
CA ALA A 155 15.89 -14.05 -24.19
C ALA A 155 17.01 -13.26 -24.86
N TRP A 156 17.28 -12.06 -24.36
CA TRP A 156 18.33 -11.23 -24.93
C TRP A 156 19.66 -11.94 -24.79
N CYS A 157 19.91 -12.53 -23.64
CA CYS A 157 21.16 -13.25 -23.45
C CYS A 157 21.27 -14.43 -24.40
N ILE A 158 20.17 -15.15 -24.60
CA ILE A 158 20.14 -16.23 -25.56
C ILE A 158 20.40 -15.70 -26.96
N ASP A 159 19.71 -14.64 -27.35
CA ASP A 159 19.85 -14.11 -28.69
C ASP A 159 21.27 -13.61 -28.95
N LYS A 160 21.91 -13.02 -27.94
CA LYS A 160 23.21 -12.41 -28.16
C LYS A 160 24.32 -13.43 -28.05
N TYR A 161 24.25 -14.28 -27.03
CA TYR A 161 25.35 -15.17 -26.69
C TYR A 161 25.10 -16.65 -26.93
N GLY A 162 23.83 -17.04 -27.12
CA GLY A 162 23.50 -18.42 -27.44
C GLY A 162 24.09 -19.39 -26.43
N GLU A 163 24.77 -20.42 -26.93
CA GLU A 163 25.27 -21.49 -26.09
C GLU A 163 26.34 -21.03 -25.12
N LYS A 164 27.03 -19.95 -25.46
CA LYS A 164 28.04 -19.42 -24.57
C LYS A 164 27.42 -18.95 -23.26
N PHE A 165 26.15 -18.57 -23.33
CA PHE A 165 25.37 -18.18 -22.17
C PHE A 165 24.65 -19.40 -21.58
N THR A 166 23.91 -20.13 -22.41
CA THR A 166 23.06 -21.17 -21.86
C THR A 166 23.85 -22.30 -21.21
N SER A 167 25.05 -22.59 -21.72
CA SER A 167 25.88 -23.65 -21.13
C SER A 167 26.32 -23.34 -19.71
N LYS A 168 26.25 -22.06 -19.32
CA LYS A 168 26.69 -21.62 -18.00
C LYS A 168 25.53 -21.48 -17.04
N VAL A 169 24.32 -21.73 -17.52
CA VAL A 169 23.15 -21.63 -16.68
C VAL A 169 22.88 -23.00 -16.08
N GLU A 170 22.85 -23.06 -14.75
CA GLU A 170 22.45 -24.27 -14.07
C GLU A 170 21.00 -24.60 -14.44
N GLU A 171 20.10 -23.68 -14.11
CA GLU A 171 18.73 -23.73 -14.56
C GLU A 171 18.14 -22.36 -14.42
N CYS A 172 17.07 -22.17 -15.16
CA CYS A 172 16.28 -20.96 -15.13
CA CYS A 172 16.24 -20.96 -15.11
C CYS A 172 14.98 -21.33 -14.40
N VAL A 173 14.71 -20.70 -13.27
CA VAL A 173 13.48 -20.96 -12.54
C VAL A 173 12.59 -19.74 -12.77
N ILE A 174 11.48 -19.97 -13.46
CA ILE A 174 10.71 -18.89 -14.06
C ILE A 174 9.34 -18.82 -13.45
N MET A 175 8.91 -17.63 -13.03
CA MET A 175 7.51 -17.43 -12.72
C MET A 175 6.85 -16.93 -13.98
N GLY A 176 5.92 -17.72 -14.51
CA GLY A 176 5.17 -17.28 -15.66
C GLY A 176 4.36 -18.36 -16.26
N GLY A 177 3.36 -17.92 -17.01
CA GLY A 177 2.54 -18.83 -17.80
C GLY A 177 1.39 -19.45 -17.05
N ALA A 178 0.63 -20.24 -17.80
CA ALA A 178 -0.56 -20.93 -17.30
C ALA A 178 -0.76 -22.05 -18.29
N VAL A 179 -0.71 -23.27 -17.81
CA VAL A 179 -0.65 -24.44 -18.69
C VAL A 179 -2.02 -25.13 -18.73
N ASP A 180 -2.53 -25.54 -17.59
CA ASP A 180 -3.82 -26.26 -17.52
C ASP A 180 -4.88 -25.51 -16.72
N VAL A 181 -4.62 -24.23 -16.49
CA VAL A 181 -5.55 -23.34 -15.83
C VAL A 181 -5.60 -22.05 -16.63
N ARG A 182 -6.63 -21.25 -16.35
CA ARG A 182 -6.80 -19.92 -16.91
C ARG A 182 -5.59 -19.03 -16.60
N GLY A 183 -5.41 -18.02 -17.41
CA GLY A 183 -4.36 -17.02 -17.19
C GLY A 183 -4.85 -15.93 -16.24
N ASN A 184 -4.21 -14.77 -16.34
CA ASN A 184 -4.61 -13.64 -15.52
C ASN A 184 -4.61 -12.32 -16.27
N VAL A 185 -4.52 -12.38 -17.59
CA VAL A 185 -4.55 -11.20 -18.45
C VAL A 185 -5.96 -11.08 -19.01
N PHE A 186 -6.72 -10.11 -18.49
CA PHE A 186 -8.13 -9.98 -18.81
C PHE A 186 -8.44 -8.60 -19.40
N LEU A 187 -8.69 -8.55 -20.70
CA LEU A 187 -9.28 -7.35 -21.32
C LEU A 187 -10.22 -7.82 -22.43
N PRO A 188 -11.11 -6.93 -22.93
CA PRO A 188 -12.05 -7.43 -23.94
C PRO A 188 -11.39 -8.08 -25.15
N SER A 189 -10.15 -7.71 -25.49
CA SER A 189 -9.46 -8.27 -26.67
C SER A 189 -8.54 -9.45 -26.35
N THR A 190 -8.55 -9.94 -25.12
CA THR A 190 -7.86 -11.18 -24.78
C THR A 190 -8.88 -12.18 -24.27
N ASP A 191 -8.49 -13.46 -24.25
CA ASP A 191 -9.41 -14.49 -23.83
C ASP A 191 -9.16 -14.98 -22.40
N GLY A 192 -8.23 -14.34 -21.72
CA GLY A 192 -7.95 -14.69 -20.34
C GLY A 192 -7.12 -15.94 -20.15
N THR A 193 -6.51 -16.44 -21.22
CA THR A 193 -5.70 -17.63 -21.10
C THR A 193 -4.22 -17.35 -20.90
N ALA A 194 -3.80 -16.10 -21.06
CA ALA A 194 -2.40 -15.75 -20.89
C ALA A 194 -2.13 -15.23 -19.49
N GLU A 195 -0.89 -15.44 -19.04
CA GLU A 195 -0.39 -14.89 -17.81
C GLU A 195 0.50 -13.68 -18.11
N TRP A 196 0.49 -12.72 -17.19
CA TRP A 196 1.06 -11.40 -17.44
C TRP A 196 2.54 -11.35 -17.76
N ASN A 197 3.38 -12.10 -17.06
CA ASN A 197 4.80 -12.05 -17.34
C ASN A 197 5.11 -12.46 -18.77
N ILE A 198 4.39 -13.46 -19.25
CA ILE A 198 4.57 -13.89 -20.63
C ILE A 198 3.98 -12.88 -21.59
N TYR A 199 2.77 -12.44 -21.30
CA TYR A 199 2.07 -11.46 -22.14
C TYR A 199 2.87 -10.17 -22.30
N TRP A 200 3.64 -9.77 -21.30
CA TRP A 200 4.41 -8.54 -21.39
C TRP A 200 5.36 -8.59 -22.56
N ASP A 201 5.93 -9.75 -22.84
CA ASP A 201 6.84 -9.91 -23.97
C ASP A 201 6.78 -11.37 -24.45
N PRO A 202 5.77 -11.67 -25.27
CA PRO A 202 5.60 -13.05 -25.76
C PRO A 202 6.79 -13.59 -26.56
N ALA A 203 7.34 -12.79 -27.46
CA ALA A 203 8.42 -13.28 -28.29
C ALA A 203 9.63 -13.68 -27.45
N SER A 204 9.94 -12.90 -26.43
CA SER A 204 11.06 -13.26 -25.57
C SER A 204 10.79 -14.56 -24.85
N ALA A 205 9.56 -14.71 -24.36
CA ALA A 205 9.20 -15.95 -23.71
C ALA A 205 9.34 -17.14 -24.67
N LYS A 206 8.93 -16.95 -25.92
CA LYS A 206 9.03 -18.03 -26.90
C LYS A 206 10.49 -18.44 -27.08
N THR A 207 11.38 -17.45 -27.13
CA THR A 207 12.81 -17.73 -27.29
C THR A 207 13.31 -18.56 -26.12
N VAL A 208 12.90 -18.19 -24.91
CA VAL A 208 13.38 -18.89 -23.74
C VAL A 208 12.81 -20.31 -23.68
N PHE A 209 11.49 -20.45 -23.87
CA PHE A 209 10.90 -21.78 -23.75
C PHE A 209 11.29 -22.74 -24.87
N GLY A 210 11.68 -22.19 -26.02
CA GLY A 210 12.10 -23.03 -27.14
C GLY A 210 13.61 -23.24 -27.23
N CYS A 211 14.36 -22.75 -26.26
CA CYS A 211 15.81 -22.80 -26.37
C CYS A 211 16.36 -24.17 -25.99
N PRO A 212 17.03 -24.87 -26.94
CA PRO A 212 17.58 -26.17 -26.54
C PRO A 212 18.75 -26.00 -25.57
N GLY A 213 18.99 -27.01 -24.74
CA GLY A 213 20.14 -26.93 -23.83
C GLY A 213 20.06 -25.84 -22.77
N LEU A 214 18.85 -25.50 -22.37
CA LEU A 214 18.63 -24.62 -21.24
C LEU A 214 17.63 -25.33 -20.36
N ARG A 215 18.01 -25.60 -19.12
CA ARG A 215 17.11 -26.23 -18.19
C ARG A 215 16.21 -25.15 -17.63
N ARG A 216 14.90 -25.38 -17.72
CA ARG A 216 13.89 -24.43 -17.27
C ARG A 216 12.96 -25.12 -16.30
N ILE A 217 12.72 -24.45 -15.19
CA ILE A 217 11.66 -24.81 -14.27
C ILE A 217 10.63 -23.70 -14.36
N MET A 218 9.37 -24.07 -14.45
CA MET A 218 8.33 -23.10 -14.68
C MET A 218 7.29 -23.15 -13.58
N PHE A 219 7.16 -22.04 -12.84
CA PHE A 219 6.08 -21.84 -11.91
C PHE A 219 5.00 -21.05 -12.58
N SER A 220 4.09 -21.79 -13.21
CA SER A 220 2.94 -21.22 -13.88
C SER A 220 1.80 -21.06 -12.88
N LEU A 221 0.70 -20.49 -13.31
CA LEU A 221 -0.41 -20.24 -12.40
C LEU A 221 -0.95 -21.54 -11.85
N ASP A 222 -0.73 -22.63 -12.58
CA ASP A 222 -1.11 -23.96 -12.10
C ASP A 222 -0.65 -24.19 -10.67
N SER A 223 0.57 -23.76 -10.38
CA SER A 223 1.14 -23.95 -9.04
C SER A 223 0.95 -22.74 -8.16
N THR A 224 1.12 -21.53 -8.72
CA THR A 224 1.04 -20.34 -7.88
C THR A 224 -0.38 -20.09 -7.36
N ASN A 225 -1.38 -20.68 -8.01
CA ASN A 225 -2.76 -20.53 -7.54
C ASN A 225 -2.96 -21.10 -6.15
N THR A 226 -2.05 -21.94 -5.71
CA THR A 226 -2.16 -22.55 -4.39
C THR A 226 -1.73 -21.61 -3.28
N VAL A 227 -1.15 -20.45 -3.61
CA VAL A 227 -0.60 -19.55 -2.58
C VAL A 227 -1.16 -18.12 -2.66
N PRO A 228 -2.49 -17.98 -2.55
CA PRO A 228 -3.06 -16.63 -2.49
C PRO A 228 -2.54 -15.93 -1.24
N VAL A 229 -2.36 -14.63 -1.31
CA VAL A 229 -1.88 -13.89 -0.15
C VAL A 229 -3.09 -13.45 0.65
N ARG A 230 -3.25 -14.02 1.84
CA ARG A 230 -4.45 -13.81 2.62
C ARG A 230 -4.13 -13.28 4.00
N SER A 231 -5.07 -12.51 4.50
CA SER A 231 -4.87 -11.75 5.73
C SER A 231 -4.40 -12.52 6.95
N PRO A 232 -5.02 -13.68 7.27
CA PRO A 232 -4.59 -14.35 8.50
C PRO A 232 -3.10 -14.68 8.48
N TYR A 233 -2.62 -15.25 7.38
CA TYR A 233 -1.20 -15.52 7.27
C TYR A 233 -0.36 -14.25 7.35
N VAL A 234 -0.77 -13.23 6.59
CA VAL A 234 -0.01 -12.01 6.55
C VAL A 234 0.11 -11.43 7.95
N GLN A 235 -0.98 -11.50 8.73
CA GLN A 235 -0.95 -10.98 10.09
C GLN A 235 0.03 -11.68 11.00
N ARG A 236 0.44 -12.89 10.63
CA ARG A 236 1.45 -13.59 11.43
C ARG A 236 2.80 -12.89 11.42
N PHE A 237 3.07 -12.08 10.41
CA PHE A 237 4.32 -11.31 10.44
C PHE A 237 4.33 -10.31 11.58
N GLY A 238 3.14 -9.93 12.06
CA GLY A 238 3.03 -9.11 13.26
C GLY A 238 3.61 -9.77 14.50
N GLU A 239 3.68 -11.11 14.51
CA GLU A 239 4.30 -11.86 15.61
C GLU A 239 5.80 -11.66 15.63
N GLN A 240 6.33 -11.07 14.56
CA GLN A 240 7.75 -11.10 14.24
C GLN A 240 8.33 -9.72 14.00
N THR A 241 7.77 -8.70 14.64
CA THR A 241 8.24 -7.34 14.38
C THR A 241 9.61 -7.07 15.00
N ASN A 242 10.12 -8.02 15.76
CA ASN A 242 11.51 -7.96 16.22
C ASN A 242 12.50 -8.16 15.07
N PHE A 243 11.97 -8.55 13.91
CA PHE A 243 12.79 -8.89 12.75
C PHE A 243 12.53 -7.93 11.64
N LEU A 244 13.58 -7.25 11.19
CA LEU A 244 13.45 -6.28 10.12
C LEU A 244 12.84 -6.91 8.87
N LEU A 245 13.23 -8.14 8.58
CA LEU A 245 12.71 -8.80 7.39
C LEU A 245 11.23 -9.11 7.48
N SER A 246 10.71 -9.26 8.70
CA SER A 246 9.29 -9.50 8.84
C SER A 246 8.49 -8.22 8.73
N ILE A 247 9.04 -7.11 9.23
CA ILE A 247 8.40 -5.83 8.96
C ILE A 247 8.36 -5.63 7.45
N LEU A 248 9.47 -5.94 6.77
CA LEU A 248 9.54 -5.75 5.34
C LEU A 248 8.56 -6.67 4.59
N VAL A 249 8.67 -7.99 4.80
CA VAL A 249 7.84 -8.93 4.05
C VAL A 249 6.38 -8.74 4.42
N GLY A 250 6.10 -8.61 5.70
CA GLY A 250 4.72 -8.44 6.14
C GLY A 250 4.08 -7.19 5.58
N THR A 251 4.84 -6.10 5.53
CA THR A 251 4.34 -4.87 4.94
C THR A 251 4.01 -5.07 3.47
N MET A 252 4.89 -5.75 2.75
CA MET A 252 4.63 -5.95 1.33
C MET A 252 3.40 -6.82 1.12
N TRP A 253 3.28 -7.90 1.87
CA TRP A 253 2.08 -8.72 1.76
C TRP A 253 0.80 -7.99 2.17
N ALA A 254 0.89 -7.14 3.20
CA ALA A 254 -0.27 -6.39 3.66
C ALA A 254 -0.78 -5.46 2.60
N MET A 255 0.08 -5.09 1.66
CA MET A 255 -0.30 -4.21 0.55
CA MET A 255 -0.35 -4.21 0.56
C MET A 255 -1.02 -4.94 -0.58
N CYS A 256 -1.24 -6.24 -0.40
N CYS A 256 -1.29 -6.23 -0.43
CA CYS A 256 -1.77 -7.14 -1.43
CA CYS A 256 -1.98 -6.92 -1.52
C CYS A 256 -3.09 -7.79 -1.06
C CYS A 256 -3.06 -7.88 -1.05
N THR A 257 -3.40 -7.81 0.23
CA THR A 257 -4.48 -8.65 0.74
C THR A 257 -5.87 -8.18 0.33
N HIS A 258 -5.96 -6.99 -0.26
CA HIS A 258 -7.27 -6.47 -0.68
C HIS A 258 -7.58 -6.83 -2.13
N CYS A 259 -6.62 -7.38 -2.87
CA CYS A 259 -6.79 -7.53 -4.32
C CYS A 259 -7.95 -8.44 -4.65
N GLU A 260 -8.18 -9.45 -3.82
CA GLU A 260 -9.30 -10.37 -4.04
C GLU A 260 -10.64 -9.66 -3.82
N LEU A 261 -10.65 -8.64 -2.96
CA LEU A 261 -11.86 -7.83 -2.79
C LEU A 261 -12.16 -7.07 -4.08
N LEU A 262 -11.14 -6.67 -4.81
CA LEU A 262 -11.30 -5.93 -6.07
C LEU A 262 -11.62 -6.84 -7.24
N ARG A 263 -11.05 -8.05 -7.22
CA ARG A 263 -11.24 -9.01 -8.30
C ARG A 263 -11.57 -10.35 -7.67
N ASP A 264 -12.88 -10.63 -7.59
CA ASP A 264 -13.34 -11.82 -6.89
C ASP A 264 -12.68 -13.08 -7.44
N GLY A 265 -12.15 -13.89 -6.53
CA GLY A 265 -11.46 -15.13 -6.88
C GLY A 265 -10.19 -14.95 -7.69
N ASP A 266 -9.70 -13.71 -7.79
CA ASP A 266 -8.57 -13.42 -8.65
C ASP A 266 -7.66 -12.36 -8.03
N GLY A 267 -7.26 -12.59 -6.78
CA GLY A 267 -6.45 -11.62 -6.03
C GLY A 267 -4.97 -11.72 -6.32
N TYR A 268 -4.19 -11.36 -5.30
CA TYR A 268 -2.75 -11.41 -5.39
C TYR A 268 -2.28 -12.76 -4.85
N TYR A 269 -1.22 -13.29 -5.45
CA TYR A 269 -0.67 -14.56 -5.04
C TYR A 269 0.80 -14.38 -4.75
N ALA A 270 1.36 -15.32 -4.02
CA ALA A 270 2.79 -15.29 -3.74
C ALA A 270 3.55 -15.86 -4.93
N TRP A 271 3.24 -15.36 -6.12
CA TRP A 271 3.72 -15.96 -7.36
C TRP A 271 5.25 -16.11 -7.37
N ASP A 272 5.95 -14.99 -7.17
CA ASP A 272 7.38 -14.96 -7.34
C ASP A 272 8.06 -15.54 -6.13
N ALA A 273 7.40 -15.43 -4.98
CA ALA A 273 7.95 -15.95 -3.75
C ALA A 273 7.98 -17.48 -3.76
N LEU A 274 6.92 -18.10 -4.26
CA LEU A 274 6.91 -19.55 -4.40
C LEU A 274 8.01 -20.00 -5.36
N THR A 275 8.17 -19.26 -6.44
CA THR A 275 9.21 -19.52 -7.42
C THR A 275 10.59 -19.48 -6.77
N ALA A 276 10.85 -18.43 -6.01
CA ALA A 276 12.13 -18.29 -5.33
C ALA A 276 12.30 -19.38 -4.26
N ALA A 277 11.19 -19.74 -3.60
CA ALA A 277 11.27 -20.80 -2.60
C ALA A 277 11.79 -22.10 -3.19
N TYR A 278 11.40 -22.40 -4.42
CA TYR A 278 11.91 -23.57 -5.10
C TYR A 278 13.41 -23.51 -5.29
N VAL A 279 13.92 -22.32 -5.62
CA VAL A 279 15.36 -22.14 -5.72
C VAL A 279 16.06 -22.46 -4.40
N VAL A 280 15.43 -22.06 -3.30
CA VAL A 280 15.97 -22.33 -1.97
C VAL A 280 15.90 -23.83 -1.65
N ASP A 281 14.77 -24.45 -1.97
CA ASP A 281 14.57 -25.85 -1.65
C ASP A 281 13.62 -26.48 -2.66
N GLN A 282 14.16 -27.38 -3.49
CA GLN A 282 13.35 -27.97 -4.55
C GLN A 282 12.21 -28.86 -4.05
N LYS A 283 12.19 -29.17 -2.75
CA LYS A 283 11.06 -29.89 -2.17
C LYS A 283 9.77 -29.10 -2.20
N VAL A 284 9.87 -27.80 -2.51
CA VAL A 284 8.70 -26.95 -2.69
C VAL A 284 7.71 -27.51 -3.72
N ALA A 285 8.20 -28.18 -4.77
CA ALA A 285 7.29 -28.72 -5.76
C ALA A 285 7.94 -29.82 -6.59
N ASN A 286 7.13 -30.77 -7.04
CA ASN A 286 7.52 -31.68 -8.09
C ASN A 286 7.44 -30.94 -9.41
N VAL A 287 8.14 -31.45 -10.41
CA VAL A 287 8.12 -30.86 -11.74
C VAL A 287 7.82 -31.95 -12.77
N ASP A 288 7.17 -31.56 -13.86
CA ASP A 288 6.89 -32.49 -14.94
C ASP A 288 7.31 -31.86 -16.25
N PRO A 289 8.02 -32.61 -17.11
CA PRO A 289 8.48 -32.07 -18.38
C PRO A 289 7.33 -31.86 -19.36
N VAL A 290 7.24 -30.63 -19.88
CA VAL A 290 6.21 -30.23 -20.83
C VAL A 290 6.91 -29.39 -21.89
N PRO A 291 6.64 -29.69 -23.18
CA PRO A 291 7.17 -28.81 -24.23
C PRO A 291 6.29 -27.57 -24.36
N ILE A 292 6.86 -26.40 -24.06
CA ILE A 292 6.08 -25.17 -23.99
C ILE A 292 6.38 -24.26 -25.15
N ASP A 293 5.35 -23.91 -25.90
CA ASP A 293 5.43 -22.88 -26.92
C ASP A 293 4.65 -21.67 -26.41
N VAL A 294 4.86 -20.52 -27.05
CA VAL A 294 4.17 -19.30 -26.62
C VAL A 294 3.50 -18.68 -27.83
N VAL A 295 2.26 -18.27 -27.67
CA VAL A 295 1.53 -17.57 -28.72
C VAL A 295 2.08 -16.15 -28.80
N VAL A 296 2.64 -15.79 -29.95
CA VAL A 296 3.22 -14.47 -30.14
C VAL A 296 2.40 -13.62 -31.09
N ASP A 297 1.58 -14.24 -31.90
CA ASP A 297 0.76 -13.50 -32.86
C ASP A 297 -0.35 -12.72 -32.16
N LYS A 298 -0.93 -11.78 -32.88
CA LYS A 298 -2.03 -10.97 -32.37
C LYS A 298 -3.36 -11.75 -32.39
N GLN A 299 -3.48 -12.64 -31.41
CA GLN A 299 -4.63 -13.52 -31.22
C GLN A 299 -5.19 -13.18 -29.85
N PRO A 300 -6.44 -13.56 -29.57
CA PRO A 300 -6.95 -13.31 -28.22
C PRO A 300 -6.10 -13.94 -27.13
N ASN A 301 -5.42 -15.05 -27.45
CA ASN A 301 -4.56 -15.72 -26.49
C ASN A 301 -3.09 -15.37 -26.64
N GLU A 302 -2.81 -14.20 -27.20
CA GLU A 302 -1.43 -13.70 -27.23
C GLU A 302 -0.81 -13.85 -25.85
N GLY A 303 0.38 -14.45 -25.80
CA GLY A 303 1.06 -14.65 -24.53
C GLY A 303 0.74 -15.96 -23.84
N ALA A 304 -0.16 -16.75 -24.40
CA ALA A 304 -0.48 -18.04 -23.77
C ALA A 304 0.69 -18.99 -23.92
N THR A 305 0.93 -19.77 -22.87
CA THR A 305 1.90 -20.83 -22.91
C THR A 305 1.15 -22.10 -23.18
N VAL A 306 1.46 -22.75 -24.30
CA VAL A 306 0.71 -23.92 -24.75
C VAL A 306 1.63 -25.11 -24.89
N ARG A 307 1.05 -26.28 -24.68
CA ARG A 307 1.75 -27.50 -25.01
C ARG A 307 1.94 -27.53 -26.51
N THR A 308 3.15 -27.85 -26.94
CA THR A 308 3.36 -28.01 -28.37
C THR A 308 3.67 -29.46 -28.68
N ASP A 309 3.20 -29.90 -29.84
CA ASP A 309 3.45 -31.27 -30.26
C ASP A 309 4.71 -31.39 -31.14
N ALA A 310 5.42 -30.29 -31.35
CA ALA A 310 6.57 -30.28 -32.25
C ALA A 310 7.59 -31.35 -31.88
N GLU A 311 8.08 -32.06 -32.89
CA GLU A 311 9.04 -33.12 -32.66
C GLU A 311 10.32 -32.53 -32.08
N ASN A 312 10.90 -33.21 -31.09
CA ASN A 312 12.16 -32.80 -30.47
C ASN A 312 12.14 -31.42 -29.85
N TYR A 313 10.96 -30.98 -29.44
CA TYR A 313 10.87 -29.65 -28.85
C TYR A 313 11.40 -29.70 -27.41
N PRO A 314 12.18 -28.68 -27.02
CA PRO A 314 12.77 -28.64 -25.69
C PRO A 314 11.73 -28.71 -24.56
N LEU A 315 12.10 -29.41 -23.49
CA LEU A 315 11.20 -29.59 -22.35
C LEU A 315 11.39 -28.50 -21.32
N THR A 316 10.29 -28.16 -20.66
CA THR A 316 10.27 -27.25 -19.53
C THR A 316 9.65 -28.02 -18.37
N PHE A 317 10.26 -27.89 -17.19
CA PHE A 317 9.79 -28.63 -16.05
C PHE A 317 8.80 -27.78 -15.28
N VAL A 318 7.53 -28.10 -15.47
CA VAL A 318 6.45 -27.30 -14.93
C VAL A 318 6.17 -27.77 -13.52
N ALA A 319 6.10 -26.83 -12.58
CA ALA A 319 5.86 -27.18 -11.18
C ALA A 319 4.45 -27.70 -11.01
N ARG A 320 4.30 -28.74 -10.19
CA ARG A 320 2.98 -29.25 -9.87
C ARG A 320 2.91 -29.55 -8.39
N ASN A 321 1.69 -29.49 -7.87
CA ASN A 321 1.41 -29.91 -6.50
C ASN A 321 2.39 -29.28 -5.51
N PRO A 322 2.48 -27.95 -5.51
CA PRO A 322 3.46 -27.35 -4.61
C PRO A 322 3.10 -27.58 -3.15
N GLU A 323 4.14 -27.63 -2.34
CA GLU A 323 3.99 -27.82 -0.92
C GLU A 323 3.70 -26.47 -0.27
N ALA A 324 2.44 -26.05 -0.35
CA ALA A 324 2.07 -24.69 0.03
C ALA A 324 2.37 -24.40 1.48
N GLU A 325 2.05 -25.33 2.37
CA GLU A 325 2.29 -25.15 3.80
C GLU A 325 3.79 -25.03 4.10
N PHE A 326 4.59 -25.88 3.45
CA PHE A 326 6.04 -25.86 3.60
C PHE A 326 6.56 -24.50 3.16
N PHE A 327 6.03 -23.98 2.04
CA PHE A 327 6.40 -22.65 1.58
C PHE A 327 6.04 -21.57 2.58
N LEU A 328 4.81 -21.60 3.08
CA LEU A 328 4.38 -20.56 4.01
C LEU A 328 5.24 -20.54 5.26
N ASP A 329 5.60 -21.72 5.74
CA ASP A 329 6.48 -21.81 6.88
C ASP A 329 7.89 -21.34 6.53
N MET A 330 8.37 -21.71 5.34
CA MET A 330 9.69 -21.28 4.91
C MET A 330 9.80 -19.76 4.91
N LEU A 331 8.76 -19.09 4.39
CA LEU A 331 8.82 -17.64 4.29
C LEU A 331 8.78 -17.00 5.68
N LEU A 332 7.90 -17.50 6.55
CA LEU A 332 7.80 -16.93 7.90
C LEU A 332 9.13 -17.09 8.64
N ARG A 333 9.77 -18.24 8.48
CA ARG A 333 11.05 -18.48 9.12
C ARG A 333 12.15 -17.64 8.51
N SER A 334 12.19 -17.56 7.18
CA SER A 334 13.25 -16.82 6.52
C SER A 334 13.19 -15.34 6.89
N ALA A 335 11.97 -14.84 7.12
CA ALA A 335 11.75 -13.45 7.52
C ALA A 335 12.17 -13.19 8.95
N ARG A 336 12.64 -14.22 9.64
CA ARG A 336 13.24 -14.04 10.98
C ARG A 336 14.75 -14.09 10.93
N ALA A 337 15.36 -14.03 9.76
CA ALA A 337 16.81 -14.12 9.70
C ALA A 337 17.43 -12.90 10.39
N CYS A 338 16.84 -11.72 10.17
CA CYS A 338 17.18 -10.52 10.93
C CYS A 338 16.02 -9.54 10.87
N ALA B 13 -5.55 20.17 28.59
CA ALA B 13 -5.97 19.55 27.33
C ALA B 13 -7.46 19.75 27.15
N LYS B 14 -7.91 19.75 25.90
CA LYS B 14 -9.33 19.83 25.59
C LYS B 14 -9.82 18.49 25.08
N ASN B 15 -11.10 18.23 25.33
CA ASN B 15 -11.74 17.00 24.87
C ASN B 15 -11.96 17.03 23.38
N VAL B 16 -11.55 15.94 22.73
CA VAL B 16 -11.71 15.79 21.28
C VAL B 16 -12.32 14.43 20.97
N VAL B 17 -13.24 14.40 20.02
CA VAL B 17 -13.73 13.15 19.43
C VAL B 17 -13.31 13.16 17.97
N LEU B 18 -12.75 12.05 17.50
CA LEU B 18 -12.40 11.89 16.09
C LEU B 18 -13.51 11.12 15.36
N ASP B 19 -14.07 11.76 14.34
CA ASP B 19 -15.16 11.21 13.53
C ASP B 19 -14.53 11.00 12.16
N HIS B 20 -14.11 9.78 11.87
CA HIS B 20 -13.25 9.55 10.70
C HIS B 20 -13.84 8.48 9.80
N ASP B 21 -13.27 8.33 8.62
CA ASP B 21 -13.71 7.27 7.72
C ASP B 21 -12.58 6.41 7.22
N GLY B 22 -11.51 6.29 8.00
CA GLY B 22 -10.62 5.14 7.89
C GLY B 22 -9.74 5.06 6.67
N ASN B 23 -9.44 6.19 6.04
CA ASN B 23 -8.36 6.20 5.07
C ASN B 23 -7.03 6.50 5.75
N LEU B 24 -5.96 6.54 4.98
CA LEU B 24 -4.63 6.61 5.58
C LEU B 24 -4.44 7.89 6.38
N ASP B 25 -4.85 9.01 5.82
CA ASP B 25 -4.70 10.25 6.55
C ASP B 25 -5.63 10.31 7.75
N ASP B 26 -6.78 9.63 7.71
CA ASP B 26 -7.62 9.56 8.91
C ASP B 26 -6.84 8.97 10.07
N PHE B 27 -6.04 7.95 9.76
CA PHE B 27 -5.27 7.32 10.82
C PHE B 27 -4.07 8.15 11.24
N VAL B 28 -3.48 8.88 10.30
CA VAL B 28 -2.46 9.84 10.70
C VAL B 28 -3.07 10.91 11.60
N ALA B 29 -4.27 11.37 11.27
CA ALA B 29 -4.96 12.34 12.10
C ALA B 29 -5.14 11.78 13.50
N MET B 30 -5.54 10.51 13.57
CA MET B 30 -5.71 9.85 14.85
C MET B 30 -4.40 9.86 15.65
N VAL B 31 -3.30 9.50 15.00
CA VAL B 31 -2.00 9.52 15.65
C VAL B 31 -1.68 10.91 16.19
N LEU B 32 -1.92 11.96 15.39
CA LEU B 32 -1.66 13.33 15.84
C LEU B 32 -2.45 13.68 17.07
N LEU B 33 -3.73 13.33 17.06
CA LEU B 33 -4.61 13.68 18.17
C LEU B 33 -4.22 12.94 19.44
N ALA B 34 -3.89 11.66 19.28
CA ALA B 34 -3.63 10.79 20.41
C ALA B 34 -2.25 11.01 20.98
N SER B 35 -1.34 11.57 20.19
CA SER B 35 0.04 11.73 20.67
C SER B 35 0.28 13.06 21.37
N ASN B 36 -0.58 14.04 21.12
CA ASN B 36 -0.39 15.38 21.66
C ASN B 36 -1.24 15.60 22.89
N THR B 37 -0.93 14.83 23.94
CA THR B 37 -1.73 14.74 25.14
C THR B 37 -1.82 16.03 25.94
N GLU B 38 -0.84 16.92 25.79
CA GLU B 38 -0.90 18.19 26.52
C GLU B 38 -1.99 19.10 25.96
N LYS B 39 -2.28 18.94 24.67
CA LYS B 39 -3.27 19.75 23.99
C LYS B 39 -4.61 19.06 23.85
N VAL B 40 -4.57 17.75 23.65
CA VAL B 40 -5.77 17.00 23.28
C VAL B 40 -5.98 15.81 24.18
N ARG B 41 -7.20 15.70 24.69
CA ARG B 41 -7.63 14.51 25.38
C ARG B 41 -8.61 13.83 24.42
N LEU B 42 -8.18 12.71 23.86
CA LEU B 42 -8.98 12.03 22.86
C LEU B 42 -9.94 11.11 23.58
N ILE B 43 -11.21 11.48 23.60
CA ILE B 43 -12.19 10.80 24.44
C ILE B 43 -13.03 9.79 23.68
N GLY B 44 -12.83 9.69 22.37
CA GLY B 44 -13.58 8.73 21.61
C GLY B 44 -13.29 8.88 20.15
N ALA B 45 -13.68 7.85 19.40
CA ALA B 45 -13.56 7.89 17.95
C ALA B 45 -14.72 7.11 17.37
N LEU B 46 -15.13 7.50 16.17
CA LEU B 46 -16.07 6.71 15.42
C LEU B 46 -15.54 6.59 14.00
N CYS B 47 -15.91 5.49 13.38
CA CYS B 47 -15.50 5.19 12.03
C CYS B 47 -16.73 5.01 11.15
N THR B 48 -16.71 5.66 9.99
CA THR B 48 -17.82 5.62 9.02
C THR B 48 -17.39 4.83 7.81
N ASP B 49 -18.35 4.08 7.28
CA ASP B 49 -18.19 3.18 6.16
C ASP B 49 -18.11 3.95 4.84
N ALA B 50 -17.26 4.98 4.79
CA ALA B 50 -17.18 5.84 3.64
C ALA B 50 -15.90 5.50 2.87
N ASP B 51 -14.77 6.14 3.19
CA ASP B 51 -13.52 5.84 2.51
C ASP B 51 -12.78 4.65 3.12
N CYS B 52 -13.56 3.69 3.61
CA CYS B 52 -13.04 2.42 4.10
C CYS B 52 -14.19 1.44 4.11
N PHE B 53 -13.89 0.19 4.39
CA PHE B 53 -14.91 -0.76 4.81
C PHE B 53 -14.88 -0.69 6.31
N VAL B 54 -16.01 -0.30 6.89
CA VAL B 54 -16.06 0.06 8.30
C VAL B 54 -15.49 -0.99 9.24
N GLU B 55 -15.65 -2.29 8.96
CA GLU B 55 -15.09 -3.30 9.85
C GLU B 55 -13.58 -3.11 9.93
N ASN B 56 -12.94 -2.89 8.79
CA ASN B 56 -11.49 -2.67 8.78
C ASN B 56 -11.12 -1.36 9.43
N GLY B 57 -11.86 -0.30 9.14
CA GLY B 57 -11.58 1.00 9.76
C GLY B 57 -11.68 0.94 11.27
N PHE B 58 -12.69 0.22 11.75
CA PHE B 58 -12.90 0.01 13.18
C PHE B 58 -11.70 -0.73 13.79
N ASN B 59 -11.33 -1.84 13.19
CA ASN B 59 -10.22 -2.61 13.73
C ASN B 59 -8.90 -1.86 13.70
N VAL B 60 -8.65 -1.10 12.64
CA VAL B 60 -7.41 -0.34 12.57
C VAL B 60 -7.41 0.74 13.64
N THR B 61 -8.55 1.41 13.84
CA THR B 61 -8.63 2.38 14.92
C THR B 61 -8.25 1.72 16.24
N GLY B 62 -8.83 0.57 16.52
CA GLY B 62 -8.51 -0.12 17.77
C GLY B 62 -7.06 -0.52 17.84
N LYS B 63 -6.51 -1.02 16.75
CA LYS B 63 -5.13 -1.47 16.75
C LYS B 63 -4.19 -0.33 16.99
N ILE B 64 -4.48 0.84 16.42
CA ILE B 64 -3.63 2.01 16.63
C ILE B 64 -3.75 2.46 18.08
N MET B 65 -4.97 2.55 18.58
CA MET B 65 -5.15 2.93 19.96
C MET B 65 -4.39 2.01 20.91
N CYS B 66 -4.45 0.71 20.66
CA CYS B 66 -3.80 -0.24 21.54
C CYS B 66 -2.30 -0.15 21.47
N LEU B 67 -1.75 0.01 20.26
CA LEU B 67 -0.33 0.24 20.08
CA LEU B 67 -0.34 0.22 20.10
C LEU B 67 0.10 1.43 20.93
N MET B 68 -0.64 2.52 20.83
CA MET B 68 -0.25 3.73 21.53
C MET B 68 -0.40 3.57 23.03
N HIS B 69 -1.54 3.04 23.45
CA HIS B 69 -1.78 2.82 24.88
C HIS B 69 -0.67 1.98 25.50
N ASN B 70 -0.24 0.94 24.81
CA ASN B 70 0.79 0.06 25.34
C ASN B 70 2.20 0.63 25.32
N ASN B 71 2.37 1.83 24.78
CA ASN B 71 3.70 2.42 24.66
C ASN B 71 3.82 3.89 25.04
N MET B 72 2.72 4.50 25.47
CA MET B 72 2.73 5.92 25.79
C MET B 72 1.55 6.32 26.64
N ASN B 73 1.47 7.63 26.92
CA ASN B 73 0.41 8.19 27.76
C ASN B 73 -0.85 8.35 26.97
N LEU B 74 -1.69 7.34 27.02
CA LEU B 74 -2.93 7.39 26.26
C LEU B 74 -3.99 6.52 26.89
N PRO B 75 -4.94 7.14 27.62
CA PRO B 75 -6.07 6.37 28.11
C PRO B 75 -6.85 5.79 26.95
N LEU B 76 -7.31 4.56 27.14
CA LEU B 76 -8.20 3.95 26.17
C LEU B 76 -9.48 4.75 26.07
N PHE B 77 -10.10 4.70 24.91
CA PHE B 77 -11.34 5.45 24.69
C PHE B 77 -12.27 4.63 23.83
N PRO B 78 -13.57 4.93 23.89
CA PRO B 78 -14.52 4.18 23.11
C PRO B 78 -14.38 4.43 21.61
N ILE B 79 -14.63 3.37 20.85
CA ILE B 79 -14.59 3.43 19.39
C ILE B 79 -15.88 2.79 18.88
N GLY B 80 -16.60 3.53 18.04
CA GLY B 80 -17.86 3.05 17.50
C GLY B 80 -17.92 2.99 16.00
N LYS B 81 -18.60 1.98 15.47
CA LYS B 81 -18.89 1.90 14.05
C LYS B 81 -20.14 2.73 13.78
N SER B 82 -20.04 3.70 12.88
CA SER B 82 -21.22 4.48 12.53
C SER B 82 -22.14 3.67 11.63
N ALA B 83 -23.45 3.87 11.84
CA ALA B 83 -24.48 3.30 10.95
C ALA B 83 -24.71 4.11 9.69
N ALA B 84 -24.04 5.26 9.54
CA ALA B 84 -24.28 6.11 8.38
C ALA B 84 -24.11 5.33 7.09
N THR B 85 -24.99 5.63 6.13
CA THR B 85 -24.90 5.01 4.82
C THR B 85 -24.60 6.07 3.76
N ALA B 86 -23.93 5.64 2.69
CA ALA B 86 -23.54 6.54 1.63
C ALA B 86 -24.73 7.12 0.85
N VAL B 87 -24.60 8.36 0.42
CA VAL B 87 -25.42 8.84 -0.68
C VAL B 87 -24.65 8.48 -1.95
N ASN B 88 -23.37 8.85 -2.00
CA ASN B 88 -22.53 8.55 -3.16
C ASN B 88 -21.28 7.83 -2.68
N PRO B 89 -21.24 6.50 -2.82
CA PRO B 89 -20.10 5.74 -2.25
C PRO B 89 -18.75 6.07 -2.85
N PHE B 90 -17.71 5.86 -2.05
CA PHE B 90 -16.35 6.03 -2.50
C PHE B 90 -15.93 4.91 -3.45
N PRO B 91 -14.90 5.17 -4.27
CA PRO B 91 -14.33 4.13 -5.12
C PRO B 91 -13.79 2.99 -4.27
N LYS B 92 -14.09 1.76 -4.69
CA LYS B 92 -13.70 0.59 -3.94
C LYS B 92 -12.20 0.54 -3.68
N GLU B 93 -11.40 0.95 -4.66
CA GLU B 93 -9.96 0.89 -4.53
C GLU B 93 -9.44 1.75 -3.38
N TRP B 94 -10.10 2.88 -3.14
CA TRP B 94 -9.70 3.76 -2.03
C TRP B 94 -10.14 3.19 -0.70
N ARG B 95 -11.29 2.52 -0.69
CA ARG B 95 -11.84 1.96 0.53
C ARG B 95 -11.00 0.80 1.05
N CYS B 96 -10.16 0.22 0.21
CA CYS B 96 -9.35 -0.93 0.60
C CYS B 96 -8.22 -0.62 1.56
N LEU B 97 -7.84 0.64 1.69
CA LEU B 97 -6.62 0.96 2.41
C LEU B 97 -6.63 0.52 3.88
N ALA B 98 -7.80 0.57 4.53
CA ALA B 98 -7.87 0.13 5.92
C ALA B 98 -7.71 -1.37 6.00
N LYS B 99 -8.08 -2.09 4.94
CA LYS B 99 -7.84 -3.52 4.90
C LYS B 99 -6.34 -3.78 4.90
N ASN B 100 -5.61 -3.04 4.08
CA ASN B 100 -4.17 -3.18 4.07
C ASN B 100 -3.58 -2.87 5.45
N MET B 101 -4.04 -1.79 6.06
CA MET B 101 -3.51 -1.42 7.36
C MET B 101 -3.84 -2.47 8.41
N ASP B 102 -5.03 -3.07 8.35
CA ASP B 102 -5.43 -4.11 9.30
C ASP B 102 -4.41 -5.25 9.32
N ASP B 103 -3.74 -5.46 8.18
CA ASP B 103 -2.83 -6.57 8.04
C ASP B 103 -1.36 -6.20 8.26
N MET B 104 -1.07 -4.93 8.53
CA MET B 104 0.32 -4.47 8.59
C MET B 104 1.01 -4.99 9.83
N PRO B 105 2.24 -5.48 9.71
CA PRO B 105 2.91 -5.98 10.91
C PRO B 105 2.94 -5.00 12.07
N ILE B 106 3.16 -3.73 11.80
CA ILE B 106 3.26 -2.71 12.84
C ILE B 106 1.99 -2.64 13.69
N LEU B 107 0.84 -3.02 13.11
CA LEU B 107 -0.43 -2.95 13.83
C LEU B 107 -0.86 -4.29 14.38
N ASN B 108 0.00 -5.29 14.24
CA ASN B 108 -0.32 -6.64 14.68
C ASN B 108 0.69 -7.21 15.65
N ILE B 109 1.31 -6.34 16.44
CA ILE B 109 2.24 -6.79 17.48
C ILE B 109 1.44 -7.50 18.57
N PRO B 110 1.90 -8.68 19.01
CA PRO B 110 1.09 -9.49 19.92
C PRO B 110 0.48 -8.76 21.11
N GLU B 111 1.26 -7.97 21.85
CA GLU B 111 0.69 -7.35 23.04
C GLU B 111 -0.42 -6.37 22.67
N ASN B 112 -0.34 -5.80 21.49
CA ASN B 112 -1.31 -4.80 21.09
C ASN B 112 -2.61 -5.41 20.59
N VAL B 113 -2.49 -6.47 19.79
CA VAL B 113 -3.69 -7.12 19.33
C VAL B 113 -4.34 -7.97 20.40
N GLU B 114 -3.55 -8.41 21.38
CA GLU B 114 -4.13 -9.06 22.55
C GLU B 114 -5.02 -8.07 23.29
N LEU B 115 -4.51 -6.86 23.52
CA LEU B 115 -5.32 -5.86 24.17
C LEU B 115 -6.57 -5.56 23.34
N TRP B 116 -6.40 -5.43 22.02
CA TRP B 116 -7.55 -5.09 21.20
C TRP B 116 -8.61 -6.18 21.27
N ASP B 117 -8.21 -7.45 21.18
CA ASP B 117 -9.20 -8.53 21.26
C ASP B 117 -9.94 -8.48 22.61
N LYS B 118 -9.25 -8.08 23.66
CA LYS B 118 -9.85 -8.00 25.00
C LYS B 118 -10.86 -6.86 25.15
N ILE B 119 -10.61 -5.74 24.47
CA ILE B 119 -11.47 -4.56 24.64
C ILE B 119 -12.43 -4.38 23.48
N LYS B 120 -12.41 -5.32 22.54
CA LYS B 120 -13.21 -5.18 21.34
C LYS B 120 -14.69 -5.35 21.63
N ALA B 121 -15.05 -6.32 22.45
CA ALA B 121 -16.47 -6.61 22.68
C ALA B 121 -17.25 -5.39 23.14
N GLU B 122 -16.68 -4.62 24.05
CA GLU B 122 -17.33 -3.40 24.54
CA GLU B 122 -17.39 -3.44 24.52
C GLU B 122 -17.54 -2.42 23.40
N ASN B 123 -16.49 -2.23 22.60
CA ASN B 123 -16.55 -1.27 21.50
C ASN B 123 -17.50 -1.71 20.39
N GLU B 124 -17.61 -3.01 20.17
CA GLU B 124 -18.55 -3.54 19.19
C GLU B 124 -20.00 -3.19 19.49
N LYS B 125 -20.30 -2.93 20.76
CA LYS B 125 -21.66 -2.60 21.21
C LYS B 125 -22.12 -1.23 20.74
N TYR B 126 -21.16 -0.33 20.52
CA TYR B 126 -21.49 1.04 20.24
C TYR B 126 -22.03 1.20 18.85
N GLU B 127 -22.92 2.17 18.71
CA GLU B 127 -23.23 2.66 17.40
C GLU B 127 -22.65 4.06 17.38
N GLY B 128 -21.82 4.30 16.37
CA GLY B 128 -20.99 5.49 16.31
C GLY B 128 -21.71 6.82 16.40
N GLN B 129 -22.88 6.91 15.75
CA GLN B 129 -23.63 8.17 15.77
C GLN B 129 -24.09 8.51 17.19
N GLN B 130 -24.68 7.51 17.85
CA GLN B 130 -25.12 7.69 19.22
C GLN B 130 -23.94 7.94 20.15
N LEU B 131 -22.84 7.23 19.91
CA LEU B 131 -21.63 7.46 20.67
C LEU B 131 -21.13 8.90 20.54
N LEU B 132 -21.10 9.42 19.32
CA LEU B 132 -20.72 10.81 19.15
C LEU B 132 -21.61 11.73 19.97
N ALA B 133 -22.93 11.53 19.87
CA ALA B 133 -23.87 12.36 20.61
C ALA B 133 -23.62 12.27 22.11
N ASP B 134 -23.40 11.05 22.59
CA ASP B 134 -23.22 10.83 24.03
C ASP B 134 -21.93 11.41 24.55
N LEU B 135 -20.83 11.22 23.82
CA LEU B 135 -19.56 11.75 24.27
C LEU B 135 -19.60 13.26 24.35
N VAL B 136 -20.23 13.87 23.36
CA VAL B 136 -20.32 15.32 23.33
C VAL B 136 -21.25 15.81 24.45
N MET B 137 -22.42 15.19 24.54
CA MET B 137 -23.44 15.72 25.44
C MET B 137 -23.13 15.45 26.92
N ASN B 138 -22.40 14.38 27.17
CA ASN B 138 -22.14 13.95 28.55
C ASN B 138 -20.80 14.42 29.10
N SER B 139 -20.00 15.07 28.26
CA SER B 139 -18.72 15.59 28.71
C SER B 139 -18.95 16.77 29.65
N GLU B 140 -18.12 16.90 30.68
CA GLU B 140 -18.20 18.04 31.59
C GLU B 140 -17.87 19.33 30.86
N GLU B 141 -16.74 19.34 30.17
CA GLU B 141 -16.33 20.49 29.37
C GLU B 141 -16.76 20.27 27.92
N LYS B 142 -16.73 21.32 27.12
CA LYS B 142 -17.14 21.20 25.73
C LYS B 142 -16.19 20.28 24.96
N VAL B 143 -16.68 19.75 23.85
CA VAL B 143 -15.92 18.78 23.07
C VAL B 143 -15.68 19.35 21.67
N THR B 144 -14.46 19.20 21.19
CA THR B 144 -14.13 19.52 19.81
C THR B 144 -14.29 18.26 18.99
N ILE B 145 -15.05 18.35 17.91
CA ILE B 145 -15.20 17.21 17.02
C ILE B 145 -14.27 17.43 15.85
N CYS B 146 -13.38 16.47 15.62
CA CYS B 146 -12.52 16.50 14.44
C CYS B 146 -13.15 15.55 13.45
N VAL B 147 -13.71 16.10 12.37
CA VAL B 147 -14.43 15.32 11.38
C VAL B 147 -13.57 15.17 10.15
N THR B 148 -13.17 13.95 9.86
CA THR B 148 -12.25 13.72 8.77
C THR B 148 -12.87 12.80 7.71
N GLY B 149 -14.10 12.37 7.93
CA GLY B 149 -14.87 11.76 6.87
C GLY B 149 -16.08 12.62 6.59
N PRO B 150 -17.10 12.02 5.96
CA PRO B 150 -18.33 12.74 5.68
C PRO B 150 -19.03 13.25 6.93
N LEU B 151 -19.98 14.16 6.72
CA LEU B 151 -20.59 14.88 7.82
C LEU B 151 -21.86 14.22 8.34
N SER B 152 -22.08 12.97 7.93
CA SER B 152 -23.29 12.24 8.30
C SER B 152 -23.56 12.13 9.79
N ASN B 153 -22.50 11.96 10.57
CA ASN B 153 -22.67 11.72 12.00
C ASN B 153 -22.98 12.98 12.76
N VAL B 154 -22.27 14.04 12.43
CA VAL B 154 -22.58 15.34 13.01
C VAL B 154 -24.01 15.74 12.63
N ALA B 155 -24.39 15.54 11.37
CA ALA B 155 -25.76 15.87 10.96
C ALA B 155 -26.78 15.06 11.71
N TRP B 156 -26.51 13.78 11.92
CA TRP B 156 -27.44 12.92 12.65
C TRP B 156 -27.65 13.44 14.06
N CYS B 157 -26.57 13.87 14.72
CA CYS B 157 -26.65 14.40 16.07
C CYS B 157 -27.43 15.71 16.12
N ILE B 158 -27.16 16.58 15.15
CA ILE B 158 -27.92 17.84 15.04
C ILE B 158 -29.40 17.54 14.84
N ASP B 159 -29.71 16.63 13.94
CA ASP B 159 -31.10 16.33 13.66
C ASP B 159 -31.80 15.76 14.89
N LYS B 160 -31.11 14.90 15.63
CA LYS B 160 -31.76 14.21 16.75
C LYS B 160 -31.85 15.09 17.98
N TYR B 161 -30.78 15.82 18.27
CA TYR B 161 -30.63 16.52 19.54
C TYR B 161 -30.61 18.04 19.45
N GLY B 162 -30.42 18.57 18.26
CA GLY B 162 -30.39 20.02 18.06
C GLY B 162 -29.44 20.70 19.00
N GLU B 163 -29.93 21.72 19.69
CA GLU B 163 -29.11 22.55 20.56
C GLU B 163 -28.56 21.79 21.76
N LYS B 164 -29.24 20.72 22.18
CA LYS B 164 -28.72 19.89 23.26
C LYS B 164 -27.36 19.31 22.90
N PHE B 165 -27.15 19.11 21.60
CA PHE B 165 -25.88 18.62 21.08
C PHE B 165 -24.96 19.81 20.74
N THR B 166 -25.45 20.74 19.94
CA THR B 166 -24.57 21.78 19.44
C THR B 166 -24.01 22.69 20.52
N SER B 167 -24.79 22.91 21.59
CA SER B 167 -24.34 23.75 22.70
C SER B 167 -23.15 23.16 23.44
N LYS B 168 -22.98 21.84 23.31
CA LYS B 168 -21.88 21.13 23.96
C LYS B 168 -20.65 20.99 23.07
N VAL B 169 -20.74 21.45 21.83
CA VAL B 169 -19.61 21.38 20.90
C VAL B 169 -18.81 22.66 21.01
N GLU B 170 -17.52 22.53 21.31
CA GLU B 170 -16.60 23.67 21.30
C GLU B 170 -16.49 24.19 19.86
N GLU B 171 -16.07 23.30 18.98
CA GLU B 171 -16.10 23.55 17.56
C GLU B 171 -15.99 22.23 16.84
N CYS B 172 -16.43 22.27 15.60
CA CYS B 172 -16.33 21.15 14.71
CA CYS B 172 -16.31 21.15 14.67
C CYS B 172 -15.25 21.51 13.69
N VAL B 173 -14.16 20.76 13.68
CA VAL B 173 -13.07 21.01 12.74
C VAL B 173 -13.19 19.95 11.67
N ILE B 174 -13.50 20.38 10.46
CA ILE B 174 -13.97 19.51 9.40
C ILE B 174 -13.01 19.49 8.24
N MET B 175 -12.62 18.30 7.81
CA MET B 175 -11.95 18.18 6.53
C MET B 175 -13.03 17.96 5.49
N GLY B 176 -13.19 18.91 4.58
CA GLY B 176 -14.09 18.71 3.48
C GLY B 176 -14.33 19.97 2.69
N GLY B 177 -14.81 19.79 1.49
CA GLY B 177 -15.21 20.90 0.65
C GLY B 177 -14.07 21.50 -0.14
N ALA B 178 -14.43 22.49 -0.93
CA ALA B 178 -13.53 23.20 -1.82
C ALA B 178 -14.29 24.48 -2.13
N VAL B 179 -13.72 25.61 -1.74
CA VAL B 179 -14.45 26.88 -1.73
C VAL B 179 -14.04 27.72 -2.93
N ASP B 180 -12.75 27.98 -3.07
CA ASP B 180 -12.24 28.84 -4.14
C ASP B 180 -11.27 28.09 -5.03
N VAL B 181 -11.30 26.77 -4.96
CA VAL B 181 -10.49 25.90 -5.80
C VAL B 181 -11.38 24.77 -6.28
N ARG B 182 -10.93 24.05 -7.31
CA ARG B 182 -11.69 22.90 -7.80
C ARG B 182 -11.81 21.83 -6.71
N GLY B 183 -12.77 20.94 -6.89
CA GLY B 183 -12.92 19.79 -6.00
C GLY B 183 -12.00 18.66 -6.39
N ASN B 184 -12.36 17.46 -5.94
CA ASN B 184 -11.59 16.28 -6.28
C ASN B 184 -12.47 15.11 -6.69
N VAL B 185 -13.77 15.35 -6.89
CA VAL B 185 -14.70 14.32 -7.33
C VAL B 185 -14.80 14.37 -8.85
N PHE B 186 -14.09 13.46 -9.51
CA PHE B 186 -13.98 13.48 -10.96
C PHE B 186 -14.59 12.21 -11.52
N LEU B 187 -15.89 12.29 -11.79
CA LEU B 187 -16.68 11.15 -12.25
C LEU B 187 -17.37 11.56 -13.55
N PRO B 188 -17.77 10.59 -14.38
CA PRO B 188 -18.47 10.96 -15.61
C PRO B 188 -19.66 11.89 -15.35
N SER B 189 -20.33 11.71 -14.20
CA SER B 189 -21.51 12.50 -13.86
C SER B 189 -21.23 13.82 -13.13
N THR B 190 -19.97 14.14 -12.86
CA THR B 190 -19.67 15.34 -12.07
C THR B 190 -18.83 16.36 -12.80
N ASP B 191 -18.87 17.61 -12.34
CA ASP B 191 -18.13 18.68 -12.99
C ASP B 191 -16.80 19.00 -12.33
N GLY B 192 -16.44 18.24 -11.28
CA GLY B 192 -15.16 18.41 -10.61
C GLY B 192 -15.11 19.53 -9.58
N THR B 193 -16.25 20.12 -9.26
CA THR B 193 -16.25 21.21 -8.28
C THR B 193 -16.44 20.71 -6.84
N ALA B 194 -16.85 19.45 -6.66
CA ALA B 194 -17.13 18.91 -5.33
C ALA B 194 -15.94 18.15 -4.77
N GLU B 195 -15.83 18.15 -3.45
CA GLU B 195 -14.85 17.37 -2.74
C GLU B 195 -15.53 16.13 -2.16
N TRP B 196 -14.79 15.04 -2.03
CA TRP B 196 -15.36 13.74 -1.75
C TRP B 196 -16.12 13.57 -0.44
N ASN B 197 -15.59 14.10 0.66
CA ASN B 197 -16.29 13.93 1.94
C ASN B 197 -17.67 14.55 1.91
N ILE B 198 -17.81 15.66 1.21
CA ILE B 198 -19.11 16.30 1.11
C ILE B 198 -19.97 15.54 0.13
N TYR B 199 -19.39 15.18 -1.00
CA TYR B 199 -20.11 14.43 -2.02
C TYR B 199 -20.68 13.11 -1.52
N TRP B 200 -20.01 12.49 -0.56
CA TRP B 200 -20.47 11.21 -0.04
C TRP B 200 -21.85 11.33 0.57
N ASP B 201 -22.11 12.48 1.19
CA ASP B 201 -23.40 12.73 1.79
C ASP B 201 -23.67 14.23 1.83
N PRO B 202 -24.12 14.77 0.70
CA PRO B 202 -24.33 16.22 0.61
C PRO B 202 -25.38 16.74 1.58
N ALA B 203 -26.49 16.02 1.74
CA ALA B 203 -27.56 16.50 2.63
C ALA B 203 -27.07 16.67 4.06
N SER B 204 -26.25 15.72 4.53
CA SER B 204 -25.72 15.84 5.88
C SER B 204 -24.79 17.02 6.00
N ALA B 205 -23.96 17.22 4.96
CA ALA B 205 -23.07 18.38 4.97
C ALA B 205 -23.87 19.66 5.02
N LYS B 206 -24.97 19.71 4.26
CA LYS B 206 -25.82 20.91 4.26
C LYS B 206 -26.36 21.19 5.65
N THR B 207 -26.83 20.16 6.34
CA THR B 207 -27.31 20.31 7.71
C THR B 207 -26.22 20.91 8.60
N VAL B 208 -25.00 20.40 8.47
CA VAL B 208 -23.93 20.87 9.32
C VAL B 208 -23.52 22.31 9.02
N PHE B 209 -23.32 22.60 7.73
CA PHE B 209 -22.85 23.93 7.37
C PHE B 209 -23.89 25.03 7.58
N GLY B 210 -25.17 24.64 7.60
CA GLY B 210 -26.25 25.59 7.83
C GLY B 210 -26.71 25.68 9.26
N CYS B 211 -26.09 24.92 10.17
CA CYS B 211 -26.56 24.88 11.55
C CYS B 211 -26.14 26.13 12.33
N PRO B 212 -27.11 26.94 12.80
CA PRO B 212 -26.68 28.08 13.60
C PRO B 212 -26.14 27.63 14.97
N GLY B 213 -25.31 28.44 15.59
CA GLY B 213 -24.78 28.06 16.91
C GLY B 213 -23.96 26.76 16.94
N LEU B 214 -23.42 26.38 15.79
CA LEU B 214 -22.34 25.39 15.73
C LEU B 214 -21.15 26.13 15.16
N ARG B 215 -20.04 26.17 15.91
CA ARG B 215 -18.81 26.75 15.40
C ARG B 215 -18.14 25.69 14.53
N ARG B 216 -17.84 26.08 13.30
CA ARG B 216 -17.22 25.19 12.34
C ARG B 216 -15.93 25.77 11.83
N ILE B 217 -14.87 24.94 11.83
CA ILE B 217 -13.63 25.27 11.16
C ILE B 217 -13.58 24.32 9.99
N MET B 218 -13.24 24.83 8.81
CA MET B 218 -13.28 24.02 7.61
C MET B 218 -11.92 23.98 6.96
N PHE B 219 -11.36 22.79 6.89
CA PHE B 219 -10.19 22.51 6.06
C PHE B 219 -10.65 21.95 4.74
N SER B 220 -10.88 22.89 3.83
CA SER B 220 -11.27 22.56 2.47
C SER B 220 -10.01 22.38 1.63
N LEU B 221 -10.20 21.98 0.38
CA LEU B 221 -9.04 21.78 -0.50
C LEU B 221 -8.20 23.04 -0.64
N ASP B 222 -8.83 24.20 -0.45
CA ASP B 222 -8.13 25.47 -0.48
C ASP B 222 -6.88 25.44 0.39
N SER B 223 -6.98 24.81 1.55
CA SER B 223 -5.83 24.71 2.46
C SER B 223 -5.07 23.40 2.32
N THR B 224 -5.80 22.30 2.14
CA THR B 224 -5.12 21.01 2.11
C THR B 224 -4.28 20.83 0.85
N ASN B 225 -4.59 21.59 -0.20
CA ASN B 225 -3.76 21.54 -1.40
C ASN B 225 -2.31 21.90 -1.15
N THR B 226 -2.02 22.53 -0.02
CA THR B 226 -0.66 22.96 0.29
C THR B 226 0.17 21.85 0.93
N VAL B 227 -0.45 20.70 1.22
CA VAL B 227 0.27 19.61 1.88
C VAL B 227 0.18 18.29 1.13
N PRO B 228 0.64 18.26 -0.15
CA PRO B 228 0.71 16.98 -0.84
C PRO B 228 1.69 16.08 -0.10
N VAL B 229 1.45 14.77 -0.15
CA VAL B 229 2.34 13.84 0.52
C VAL B 229 3.45 13.50 -0.47
N ARG B 230 4.68 13.89 -0.11
CA ARG B 230 5.82 13.82 -1.03
C ARG B 230 6.89 12.91 -0.47
N SER B 231 7.54 12.17 -1.37
CA SER B 231 8.53 11.17 -0.98
C SER B 231 9.65 11.63 -0.05
N PRO B 232 10.28 12.79 -0.31
CA PRO B 232 11.39 13.17 0.58
C PRO B 232 10.95 13.30 2.05
N TYR B 233 9.79 13.92 2.27
CA TYR B 233 9.25 14.01 3.61
C TYR B 233 8.94 12.62 4.17
N VAL B 234 8.27 11.78 3.38
CA VAL B 234 7.93 10.44 3.85
C VAL B 234 9.18 9.67 4.25
N GLN B 235 10.25 9.82 3.47
CA GLN B 235 11.45 9.09 3.76
C GLN B 235 12.11 9.50 5.08
N ARG B 236 11.76 10.69 5.57
CA ARG B 236 12.29 11.14 6.86
C ARG B 236 11.83 10.26 8.02
N PHE B 237 10.68 9.60 7.87
CA PHE B 237 10.26 8.66 8.89
C PHE B 237 11.20 7.48 9.02
N GLY B 238 11.97 7.21 7.96
CA GLY B 238 13.01 6.18 8.01
C GLY B 238 14.13 6.53 8.98
N GLU B 239 14.26 7.81 9.32
CA GLU B 239 15.23 8.25 10.32
C GLU B 239 14.78 7.91 11.73
N GLN B 240 13.54 7.47 11.87
CA GLN B 240 12.90 7.34 13.18
C GLN B 240 12.33 5.96 13.43
N THR B 241 12.94 4.94 12.84
CA THR B 241 12.36 3.60 12.94
C THR B 241 12.48 2.98 14.32
N ASN B 242 13.22 3.63 15.22
CA ASN B 242 13.22 3.21 16.62
C ASN B 242 11.86 3.49 17.27
N PHE B 243 11.05 4.31 16.59
CA PHE B 243 9.71 4.66 17.08
C PHE B 243 8.62 3.97 16.29
N LEU B 244 7.79 3.22 17.00
CA LEU B 244 6.67 2.49 16.39
C LEU B 244 5.77 3.41 15.59
N LEU B 245 5.50 4.59 16.13
CA LEU B 245 4.63 5.52 15.45
C LEU B 245 5.20 6.03 14.17
N SER B 246 6.53 6.05 14.06
CA SER B 246 7.17 6.51 12.84
C SER B 246 7.13 5.44 11.77
N ILE B 247 7.29 4.19 12.18
CA ILE B 247 7.05 3.08 11.26
C ILE B 247 5.60 3.17 10.78
N LEU B 248 4.67 3.37 11.71
CA LEU B 248 3.26 3.44 11.34
C LEU B 248 2.95 4.61 10.39
N VAL B 249 3.27 5.82 10.81
CA VAL B 249 2.93 6.98 10.00
C VAL B 249 3.65 6.94 8.66
N GLY B 250 4.94 6.61 8.69
CA GLY B 250 5.74 6.57 7.46
C GLY B 250 5.21 5.51 6.51
N THR B 251 4.78 4.37 7.05
CA THR B 251 4.21 3.32 6.22
C THR B 251 2.93 3.81 5.55
N MET B 252 2.07 4.47 6.32
CA MET B 252 0.82 4.95 5.74
C MET B 252 1.07 5.99 4.67
N TRP B 253 1.97 6.93 4.92
CA TRP B 253 2.30 7.90 3.89
C TRP B 253 2.98 7.25 2.68
N ALA B 254 3.82 6.25 2.89
CA ALA B 254 4.48 5.58 1.78
C ALA B 254 3.49 4.92 0.84
N MET B 255 2.32 4.56 1.39
CA MET B 255 1.25 3.95 0.60
C MET B 255 0.48 4.94 -0.27
N CYS B 256 0.89 6.21 -0.26
CA CYS B 256 0.13 7.16 -1.07
CA CYS B 256 0.17 7.33 -0.90
C CYS B 256 0.98 8.07 -1.94
N THR B 257 2.29 7.86 -1.93
CA THR B 257 3.18 8.74 -2.70
C THR B 257 3.13 8.46 -4.20
N HIS B 258 2.47 7.40 -4.61
CA HIS B 258 2.34 7.09 -6.03
C HIS B 258 1.12 7.78 -6.65
N CYS B 259 0.21 8.31 -5.83
CA CYS B 259 -1.08 8.77 -6.36
C CYS B 259 -0.88 9.85 -7.40
N GLU B 260 0.09 10.72 -7.18
CA GLU B 260 0.36 11.80 -8.13
C GLU B 260 0.89 11.27 -9.45
N LEU B 261 1.54 10.10 -9.41
CA LEU B 261 1.96 9.42 -10.64
C LEU B 261 0.76 8.97 -11.46
N LEU B 262 -0.31 8.54 -10.78
CA LEU B 262 -1.53 8.12 -11.47
C LEU B 262 -2.38 9.31 -11.93
N ARG B 263 -2.42 10.34 -11.10
CA ARG B 263 -3.23 11.53 -11.36
C ARG B 263 -2.34 12.75 -11.28
N ASP B 264 -1.82 13.17 -12.43
CA ASP B 264 -0.88 14.27 -12.50
C ASP B 264 -1.42 15.50 -11.78
N GLY B 265 -0.62 16.00 -10.83
CA GLY B 265 -0.99 17.20 -10.07
C GLY B 265 -2.15 17.02 -9.11
N ASP B 266 -2.63 15.79 -8.95
CA ASP B 266 -3.84 15.50 -8.15
C ASP B 266 -3.65 14.22 -7.31
N GLY B 267 -2.56 14.16 -6.58
CA GLY B 267 -2.26 12.97 -5.80
C GLY B 267 -2.94 12.95 -4.45
N TYR B 268 -2.23 12.38 -3.48
CA TYR B 268 -2.74 12.26 -2.14
C TYR B 268 -2.19 13.42 -1.33
N TYR B 269 -3.01 13.93 -0.41
CA TYR B 269 -2.63 15.05 0.43
C TYR B 269 -2.78 14.65 1.87
N ALA B 270 -2.15 15.39 2.76
CA ALA B 270 -2.30 15.15 4.18
C ALA B 270 -3.58 15.81 4.67
N TRP B 271 -4.69 15.57 3.95
CA TRP B 271 -5.93 16.31 4.17
C TRP B 271 -6.36 16.28 5.63
N ASP B 272 -6.54 15.06 6.15
CA ASP B 272 -7.12 14.90 7.49
C ASP B 272 -6.07 15.16 8.54
N ALA B 273 -4.81 14.90 8.21
CA ALA B 273 -3.74 15.15 9.14
C ALA B 273 -3.56 16.64 9.41
N LEU B 274 -3.65 17.45 8.38
CA LEU B 274 -3.58 18.90 8.56
C LEU B 274 -4.74 19.37 9.45
N THR B 275 -5.92 18.82 9.19
CA THR B 275 -7.11 19.14 9.95
C THR B 275 -6.91 18.84 11.44
N ALA B 276 -6.42 17.63 11.74
CA ALA B 276 -6.18 17.25 13.12
C ALA B 276 -5.08 18.09 13.73
N ALA B 277 -4.07 18.45 12.94
CA ALA B 277 -2.98 19.27 13.43
C ALA B 277 -3.52 20.61 13.93
N TYR B 278 -4.53 21.15 13.26
CA TYR B 278 -5.14 22.40 13.70
C TYR B 278 -5.81 22.21 15.07
N VAL B 279 -6.46 21.07 15.26
CA VAL B 279 -7.05 20.76 16.56
C VAL B 279 -5.97 20.77 17.64
N VAL B 280 -4.82 20.20 17.32
CA VAL B 280 -3.71 20.22 18.25
C VAL B 280 -3.21 21.63 18.53
N ASP B 281 -3.04 22.42 17.47
CA ASP B 281 -2.50 23.75 17.62
C ASP B 281 -3.03 24.64 16.51
N GLN B 282 -3.85 25.62 16.87
CA GLN B 282 -4.47 26.49 15.88
C GLN B 282 -3.48 27.36 15.10
N LYS B 283 -2.22 27.40 15.52
CA LYS B 283 -1.20 28.08 14.73
C LYS B 283 -1.01 27.43 13.36
N VAL B 284 -1.57 26.24 13.18
CA VAL B 284 -1.54 25.58 11.89
C VAL B 284 -2.17 26.45 10.79
N ALA B 285 -3.21 27.23 11.10
CA ALA B 285 -3.78 28.07 10.05
C ALA B 285 -4.63 29.15 10.65
N ASN B 286 -4.62 30.30 10.00
CA ASN B 286 -5.63 31.29 10.23
C ASN B 286 -6.91 30.92 9.50
N VAL B 287 -8.02 31.44 9.97
CA VAL B 287 -9.32 31.05 9.46
C VAL B 287 -10.15 32.29 9.16
N ASP B 288 -10.94 32.20 8.10
CA ASP B 288 -11.75 33.29 7.59
C ASP B 288 -13.22 32.91 7.55
N PRO B 289 -14.11 33.76 8.08
CA PRO B 289 -15.53 33.41 8.05
C PRO B 289 -16.15 33.49 6.64
N VAL B 290 -16.83 32.42 6.26
CA VAL B 290 -17.48 32.32 4.97
C VAL B 290 -18.81 31.61 5.21
N PRO B 291 -19.92 32.15 4.66
CA PRO B 291 -21.18 31.42 4.74
C PRO B 291 -21.21 30.32 3.69
N ILE B 292 -21.24 29.06 4.14
CA ILE B 292 -21.08 27.92 3.26
C ILE B 292 -22.39 27.15 3.15
N ASP B 293 -22.84 26.95 1.92
CA ASP B 293 -23.99 26.12 1.63
C ASP B 293 -23.49 24.95 0.79
N VAL B 294 -24.34 23.95 0.60
CA VAL B 294 -23.96 22.72 -0.08
C VAL B 294 -25.00 22.40 -1.13
N VAL B 295 -24.53 22.07 -2.32
CA VAL B 295 -25.42 21.61 -3.38
C VAL B 295 -25.80 20.17 -3.09
N VAL B 296 -27.10 19.92 -2.90
CA VAL B 296 -27.58 18.57 -2.61
C VAL B 296 -28.33 17.93 -3.78
N ASP B 297 -28.57 18.72 -4.81
CA ASP B 297 -29.30 18.24 -5.98
C ASP B 297 -28.44 17.33 -6.83
N LYS B 298 -29.09 16.44 -7.56
CA LYS B 298 -28.41 15.48 -8.42
C LYS B 298 -27.99 16.15 -9.72
N GLN B 299 -27.17 17.18 -9.59
CA GLN B 299 -26.60 17.92 -10.70
C GLN B 299 -25.13 17.57 -10.79
N PRO B 300 -24.46 17.97 -11.88
CA PRO B 300 -23.03 17.68 -11.94
C PRO B 300 -22.20 18.25 -10.79
N ASN B 301 -22.68 19.29 -10.13
CA ASN B 301 -21.96 19.88 -9.01
C ASN B 301 -22.51 19.46 -7.65
N GLU B 302 -23.22 18.34 -7.62
CA GLU B 302 -23.67 17.73 -6.37
C GLU B 302 -22.50 17.63 -5.40
N GLY B 303 -22.76 18.10 -4.18
CA GLY B 303 -21.75 18.07 -3.13
C GLY B 303 -20.81 19.26 -3.10
N ALA B 304 -20.97 20.22 -4.02
CA ALA B 304 -20.13 21.40 -3.99
C ALA B 304 -20.46 22.24 -2.75
N THR B 305 -19.42 22.79 -2.14
CA THR B 305 -19.57 23.75 -1.06
C THR B 305 -19.43 25.12 -1.68
N VAL B 306 -20.48 25.92 -1.57
CA VAL B 306 -20.51 27.20 -2.24
C VAL B 306 -20.80 28.31 -1.26
N ARG B 307 -20.28 29.49 -1.54
CA ARG B 307 -20.64 30.67 -0.78
C ARG B 307 -22.11 30.96 -1.01
N THR B 308 -22.79 31.39 0.04
CA THR B 308 -24.15 31.85 -0.11
C THR B 308 -24.27 33.26 0.44
N ASP B 309 -25.03 34.10 -0.26
CA ASP B 309 -25.24 35.46 0.22
C ASP B 309 -26.54 35.58 1.00
N ALA B 310 -27.14 34.44 1.35
CA ALA B 310 -28.39 34.41 2.11
C ALA B 310 -28.25 35.21 3.39
N GLU B 311 -29.25 36.03 3.68
CA GLU B 311 -29.22 36.89 4.86
C GLU B 311 -29.18 36.04 6.14
N ASN B 312 -28.35 36.46 7.09
CA ASN B 312 -28.22 35.81 8.41
C ASN B 312 -27.76 34.35 8.38
N TYR B 313 -27.12 33.95 7.28
CA TYR B 313 -26.66 32.60 7.16
C TYR B 313 -25.43 32.35 8.05
N PRO B 314 -25.38 31.20 8.73
CA PRO B 314 -24.27 30.91 9.64
C PRO B 314 -22.90 30.87 8.97
N LEU B 315 -21.89 31.32 9.70
CA LEU B 315 -20.54 31.39 9.18
C LEU B 315 -19.76 30.13 9.48
N THR B 316 -18.88 29.81 8.56
CA THR B 316 -17.93 28.71 8.71
C THR B 316 -16.55 29.31 8.57
N PHE B 317 -15.62 28.93 9.44
CA PHE B 317 -14.29 29.50 9.44
C PHE B 317 -13.36 28.67 8.60
N VAL B 318 -13.09 29.16 7.41
CA VAL B 318 -12.34 28.42 6.42
C VAL B 318 -10.85 28.64 6.62
N ALA B 319 -10.09 27.56 6.73
CA ALA B 319 -8.66 27.64 6.91
C ALA B 319 -8.01 28.16 5.63
N ARG B 320 -7.00 29.01 5.79
CA ARG B 320 -6.25 29.53 4.64
C ARG B 320 -4.77 29.54 4.95
N ASN B 321 -3.99 29.38 3.89
CA ASN B 321 -2.53 29.54 3.95
C ASN B 321 -1.91 28.86 5.17
N PRO B 322 -2.11 27.54 5.28
CA PRO B 322 -1.64 26.86 6.49
C PRO B 322 -0.13 26.89 6.64
N GLU B 323 0.31 26.74 7.89
CA GLU B 323 1.71 26.70 8.20
C GLU B 323 2.21 25.28 7.90
N ALA B 324 2.52 25.03 6.63
CA ALA B 324 2.82 23.67 6.17
C ALA B 324 4.03 23.09 6.87
N GLU B 325 5.10 23.87 6.97
CA GLU B 325 6.31 23.41 7.61
C GLU B 325 6.11 23.11 9.10
N PHE B 326 5.36 23.96 9.77
CA PHE B 326 5.01 23.75 11.17
C PHE B 326 4.24 22.44 11.34
N PHE B 327 3.29 22.20 10.44
CA PHE B 327 2.54 20.96 10.43
C PHE B 327 3.44 19.74 10.19
N LEU B 328 4.29 19.84 9.17
CA LEU B 328 5.14 18.71 8.83
C LEU B 328 6.07 18.39 9.97
N ASP B 329 6.60 19.42 10.63
CA ASP B 329 7.43 19.22 11.81
C ASP B 329 6.63 18.63 12.95
N MET B 330 5.40 19.11 13.14
CA MET B 330 4.56 18.60 14.21
C MET B 330 4.38 17.09 14.04
N LEU B 331 4.10 16.67 12.82
CA LEU B 331 3.84 15.27 12.58
C LEU B 331 5.09 14.41 12.81
N LEU B 332 6.23 14.88 12.32
CA LEU B 332 7.49 14.12 12.51
C LEU B 332 7.80 13.98 13.99
N ARG B 333 7.59 15.06 14.74
CA ARG B 333 7.82 15.05 16.18
C ARG B 333 6.83 14.15 16.90
N SER B 334 5.55 14.27 16.53
CA SER B 334 4.50 13.50 17.17
C SER B 334 4.73 12.00 16.98
N ALA B 335 5.32 11.63 15.85
CA ALA B 335 5.59 10.25 15.52
C ALA B 335 6.81 9.69 16.27
N ARG B 336 7.43 10.52 17.10
CA ARG B 336 8.45 10.05 18.04
C ARG B 336 7.85 9.83 19.43
N ALA B 337 6.53 9.86 19.57
CA ALA B 337 5.90 9.69 20.88
C ALA B 337 6.09 8.28 21.42
N CYS B 338 6.11 7.30 20.51
CA CYS B 338 6.51 5.93 20.83
C CYS B 338 6.83 5.21 19.53
#